data_9LIO
#
_entry.id   9LIO
#
_cell.length_a   210.478
_cell.length_b   45.949
_cell.length_c   86.381
_cell.angle_alpha   90.00
_cell.angle_beta   112.68
_cell.angle_gamma   90.00
#
_symmetry.space_group_name_H-M   'C 1 2 1'
#
loop_
_entity.id
_entity.type
_entity.pdbx_description
1 polymer 'Cyclic GMP-AMP synthase'
2 non-polymer '2-[bis[1-[4,6-bis(fluoranyl)-1,3-benzothiazol-2-yl]-3-methyl-5-oxidanyl-pyrazol-4-yl]methyl]benzoic acid'
3 non-polymer 'ZINC ION'
4 water water
#
_entity_poly.entity_id   1
_entity_poly.type   'polypeptide(L)'
_entity_poly.pdbx_seq_one_letter_code
;DAAPGASKLRAVLEKLKLSRDDISTAAGMVKGVVDHLLLRLKCDSAFRGVGLLNTGSYYEHVKISAPNEFDVMFKLEVPR
IQLEEYSNTRAYYFVKFKRNPKENPLSQFLEGEILSASKMLSKFRKIIKEEINDIKDTDVIMKRKRGGSPAVTLLISEKI
SVDITLALESKSSWPASTQEGLRIQNWLSAKVRKQLRLKPFYLVPKHAKEGNGFQEETWRLSFSHIEKEILNNHGKSKTC
CENKEEKCCRKDCLKLMKYLLEQLKERFKDKKHLDKFSSYHVKTAFFHVCTQNPQDSQWDRKDLGLCFDNCVTYFLQCLR
TEKLENYFIPEFNLFSSNLIDKRSKEFLTKQIEYERNNEFPVFDEF
;
_entity_poly.pdbx_strand_id   A,B
#
# COMPACT_ATOMS: atom_id res chain seq x y z
N GLY A 5 4.02 -9.87 38.13
CA GLY A 5 5.31 -10.05 37.47
C GLY A 5 5.48 -9.30 36.16
N ALA A 6 4.70 -8.23 35.97
CA ALA A 6 4.78 -7.48 34.72
C ALA A 6 6.18 -6.92 34.50
N SER A 7 6.83 -6.49 35.59
CA SER A 7 8.20 -6.01 35.51
C SER A 7 9.12 -7.08 34.93
N LYS A 8 8.92 -8.33 35.33
CA LYS A 8 9.72 -9.43 34.80
C LYS A 8 9.52 -9.59 33.28
N LEU A 9 8.30 -9.32 32.79
CA LEU A 9 8.06 -9.34 31.35
C LEU A 9 8.87 -8.27 30.65
N ARG A 10 8.92 -7.07 31.23
CA ARG A 10 9.74 -5.99 30.70
C ARG A 10 11.23 -6.33 30.74
N ALA A 11 11.67 -7.02 31.80
CA ALA A 11 13.05 -7.50 31.85
C ALA A 11 13.37 -8.39 30.66
N VAL A 12 12.48 -9.35 30.37
CA VAL A 12 12.66 -10.21 29.20
C VAL A 12 12.82 -9.38 27.95
N LEU A 13 11.87 -8.46 27.73
CA LEU A 13 11.88 -7.63 26.53
C LEU A 13 13.17 -6.82 26.44
N GLU A 14 13.67 -6.31 27.57
CA GLU A 14 14.97 -5.62 27.58
C GLU A 14 16.07 -6.52 27.01
N LYS A 15 16.18 -7.75 27.54
CA LYS A 15 17.18 -8.70 27.05
C LYS A 15 17.04 -8.97 25.56
N LEU A 16 15.80 -9.18 25.10
CA LEU A 16 15.60 -9.49 23.69
C LEU A 16 16.04 -8.35 22.79
N LYS A 17 15.83 -7.11 23.25
CA LYS A 17 16.24 -5.94 22.47
C LYS A 17 17.76 -5.83 22.41
N LEU A 18 18.43 -6.11 23.52
CA LEU A 18 19.89 -6.13 23.51
C LEU A 18 20.43 -7.11 22.48
N SER A 19 19.90 -8.35 22.50
CA SER A 19 20.34 -9.38 21.55
C SER A 19 20.17 -8.92 20.11
N ARG A 20 19.13 -8.13 19.82
CA ARG A 20 18.91 -7.63 18.47
C ARG A 20 19.87 -6.52 18.10
N ASP A 21 20.26 -5.67 19.07
CA ASP A 21 21.26 -4.64 18.79
C ASP A 21 22.58 -5.25 18.37
N ASP A 22 22.96 -6.39 18.98
CA ASP A 22 24.26 -7.00 18.78
C ASP A 22 24.27 -8.05 17.67
N ILE A 23 23.32 -7.98 16.73
CA ILE A 23 23.24 -8.95 15.65
C ILE A 23 23.22 -8.25 14.30
N SER A 24 23.03 -6.92 14.29
CA SER A 24 23.11 -6.13 13.06
C SER A 24 24.27 -6.57 12.17
N THR A 25 25.44 -6.79 12.79
CA THR A 25 26.61 -7.25 12.06
C THR A 25 26.35 -8.56 11.34
N ALA A 26 25.76 -9.54 12.04
CA ALA A 26 25.45 -10.81 11.41
C ALA A 26 24.53 -10.62 10.22
N ALA A 27 23.48 -9.80 10.39
CA ALA A 27 22.56 -9.56 9.29
C ALA A 27 23.29 -8.97 8.09
N GLY A 28 24.35 -8.20 8.33
CA GLY A 28 25.17 -7.72 7.23
C GLY A 28 25.84 -8.85 6.47
N MET A 29 26.43 -9.81 7.21
CA MET A 29 27.02 -10.98 6.57
C MET A 29 25.99 -11.72 5.72
N VAL A 30 24.79 -11.91 6.28
CA VAL A 30 23.74 -12.62 5.57
C VAL A 30 23.37 -11.89 4.28
N LYS A 31 23.17 -10.57 4.37
CA LYS A 31 22.78 -9.81 3.19
C LYS A 31 23.81 -9.94 2.09
N GLY A 32 25.08 -10.05 2.45
CA GLY A 32 26.12 -10.13 1.43
C GLY A 32 26.12 -11.46 0.71
N VAL A 33 25.98 -12.55 1.48
CA VAL A 33 25.85 -13.87 0.87
C VAL A 33 24.60 -13.93 0.01
N VAL A 34 23.47 -13.51 0.57
CA VAL A 34 22.19 -13.62 -0.11
C VAL A 34 22.17 -12.78 -1.39
N ASP A 35 22.74 -11.58 -1.34
CA ASP A 35 22.82 -10.78 -2.56
C ASP A 35 23.64 -11.50 -3.62
N HIS A 36 24.80 -12.06 -3.25
CA HIS A 36 25.59 -12.88 -4.17
C HIS A 36 24.77 -14.01 -4.79
N LEU A 37 24.12 -14.81 -3.94
CA LEU A 37 23.30 -15.92 -4.42
C LEU A 37 22.29 -15.45 -5.45
N LEU A 38 21.55 -14.39 -5.13
CA LEU A 38 20.49 -13.92 -6.02
C LEU A 38 21.05 -13.47 -7.36
N LEU A 39 22.25 -12.89 -7.40
CA LEU A 39 22.82 -12.51 -8.70
C LEU A 39 23.11 -13.74 -9.55
N ARG A 40 23.75 -14.75 -8.98
CA ARG A 40 24.01 -15.97 -9.73
C ARG A 40 22.71 -16.62 -10.21
N LEU A 41 21.75 -16.81 -9.30
CA LEU A 41 20.46 -17.43 -9.66
C LEU A 41 19.73 -16.70 -10.77
N LYS A 42 19.77 -15.36 -10.78
CA LYS A 42 19.05 -14.64 -11.82
C LYS A 42 19.61 -14.89 -13.23
N CYS A 43 20.78 -15.52 -13.36
CA CYS A 43 21.34 -15.83 -14.68
C CYS A 43 20.82 -17.15 -15.23
N ASP A 44 20.28 -18.01 -14.38
CA ASP A 44 19.64 -19.24 -14.82
C ASP A 44 18.28 -18.90 -15.42
N SER A 45 17.99 -19.48 -16.59
CA SER A 45 16.73 -19.15 -17.26
C SER A 45 15.53 -19.55 -16.41
N ALA A 46 15.63 -20.62 -15.62
CA ALA A 46 14.49 -21.00 -14.79
C ALA A 46 14.22 -19.97 -13.69
N PHE A 47 15.27 -19.35 -13.15
CA PHE A 47 15.14 -18.53 -11.96
C PHE A 47 15.33 -17.05 -12.27
N ARG A 48 15.02 -16.66 -13.51
CA ARG A 48 15.35 -15.30 -13.99
C ARG A 48 14.71 -14.23 -13.12
N GLY A 49 13.50 -14.48 -12.63
CA GLY A 49 12.80 -13.48 -11.85
C GLY A 49 12.85 -13.74 -10.36
N VAL A 50 13.93 -14.38 -9.91
CA VAL A 50 14.07 -14.66 -8.49
C VAL A 50 14.39 -13.36 -7.77
N GLY A 51 13.90 -13.24 -6.54
CA GLY A 51 14.13 -12.05 -5.75
C GLY A 51 13.82 -12.33 -4.29
N LEU A 52 14.12 -11.34 -3.47
CA LEU A 52 13.70 -11.38 -2.07
C LEU A 52 12.24 -11.02 -1.99
N LEU A 53 11.53 -11.68 -1.08
CA LEU A 53 10.13 -11.32 -0.89
C LEU A 53 10.03 -9.98 -0.18
N ASN A 54 10.56 -9.89 1.05
CA ASN A 54 10.49 -8.64 1.80
C ASN A 54 11.61 -7.69 1.42
N TYR A 59 15.36 -10.54 5.76
CA TYR A 59 15.57 -11.65 6.70
C TYR A 59 14.52 -11.65 7.82
N GLU A 60 14.44 -12.76 8.54
CA GLU A 60 13.54 -12.91 9.67
C GLU A 60 14.11 -13.98 10.60
N HIS A 61 13.58 -14.03 11.83
CA HIS A 61 14.03 -14.97 12.86
C HIS A 61 12.83 -15.77 13.33
N VAL A 62 12.77 -17.07 12.97
CA VAL A 62 11.67 -17.91 13.45
C VAL A 62 11.76 -18.11 14.96
N LYS A 63 12.98 -18.09 15.50
CA LYS A 63 13.25 -18.26 16.93
C LYS A 63 13.77 -16.94 17.50
N ILE A 64 12.93 -16.25 18.27
CA ILE A 64 13.32 -14.97 18.85
C ILE A 64 14.56 -15.13 19.73
N SER A 65 14.78 -16.32 20.27
CA SER A 65 15.89 -16.59 21.17
C SER A 65 17.14 -17.11 20.45
N ALA A 66 17.12 -17.12 19.12
CA ALA A 66 18.24 -17.61 18.30
C ALA A 66 18.62 -16.50 17.32
N PRO A 67 19.32 -15.47 17.80
CA PRO A 67 19.59 -14.29 16.94
C PRO A 67 20.47 -14.58 15.75
N ASN A 68 21.30 -15.63 15.78
CA ASN A 68 22.20 -15.97 14.71
C ASN A 68 21.61 -16.93 13.68
N GLU A 69 20.38 -17.38 13.90
CA GLU A 69 19.68 -18.28 12.99
C GLU A 69 18.70 -17.47 12.16
N PHE A 70 19.03 -17.29 10.89
CA PHE A 70 18.25 -16.43 10.02
C PHE A 70 17.41 -17.27 9.06
N ASP A 71 16.44 -16.60 8.45
CA ASP A 71 15.43 -17.22 7.62
C ASP A 71 15.08 -16.28 6.48
N VAL A 72 15.17 -16.78 5.25
CA VAL A 72 15.08 -15.96 4.05
C VAL A 72 14.22 -16.66 3.01
N MET A 73 13.35 -15.90 2.36
CA MET A 73 12.48 -16.44 1.33
C MET A 73 12.91 -15.88 -0.03
N PHE A 74 13.24 -16.78 -0.98
CA PHE A 74 13.49 -16.40 -2.38
C PHE A 74 12.18 -16.61 -3.17
N LYS A 75 11.55 -15.52 -3.61
CA LYS A 75 10.34 -15.63 -4.42
C LYS A 75 10.67 -15.69 -5.91
N LEU A 76 9.75 -16.29 -6.67
CA LEU A 76 9.89 -16.49 -8.11
C LEU A 76 8.51 -16.39 -8.76
N GLU A 77 8.27 -15.36 -9.56
CA GLU A 77 6.93 -15.20 -10.11
C GLU A 77 6.63 -16.26 -11.16
N VAL A 78 5.45 -16.87 -11.03
CA VAL A 78 4.95 -17.86 -11.97
C VAL A 78 3.68 -17.31 -12.60
N PRO A 79 3.78 -16.76 -13.81
CA PRO A 79 2.58 -16.18 -14.43
C PRO A 79 1.59 -17.26 -14.85
N ARG A 80 0.32 -16.88 -14.93
CA ARG A 80 -0.72 -17.73 -15.51
C ARG A 80 -0.79 -19.10 -14.82
N ILE A 81 -0.52 -19.11 -13.52
CA ILE A 81 -0.61 -20.35 -12.75
C ILE A 81 -2.06 -20.88 -12.75
N GLN A 82 -2.19 -22.18 -12.52
CA GLN A 82 -3.51 -22.80 -12.31
C GLN A 82 -3.39 -23.76 -11.14
N LEU A 83 -4.22 -23.59 -10.11
CA LEU A 83 -4.11 -24.41 -8.91
C LEU A 83 -5.16 -25.52 -8.86
N GLU A 84 -4.75 -26.66 -8.33
CA GLU A 84 -5.62 -27.82 -8.11
C GLU A 84 -5.44 -28.25 -6.66
N GLU A 85 -6.47 -28.03 -5.84
CA GLU A 85 -6.38 -28.36 -4.41
C GLU A 85 -6.09 -29.84 -4.24
N TYR A 86 -5.11 -30.16 -3.40
CA TYR A 86 -4.87 -31.56 -3.07
C TYR A 86 -5.79 -32.01 -1.94
N SER A 87 -6.62 -33.01 -2.23
CA SER A 87 -7.29 -33.84 -1.23
C SER A 87 -8.05 -33.01 -0.19
N ASN A 88 -8.71 -31.94 -0.63
CA ASN A 88 -9.52 -31.06 0.23
C ASN A 88 -8.73 -30.50 1.41
N THR A 89 -7.40 -30.36 1.28
CA THR A 89 -6.63 -29.86 2.42
C THR A 89 -6.71 -28.35 2.59
N ARG A 90 -7.26 -27.62 1.63
CA ARG A 90 -7.44 -26.17 1.73
C ARG A 90 -6.13 -25.39 1.68
N ALA A 91 -5.00 -26.02 2.04
CA ALA A 91 -3.72 -25.33 2.03
C ALA A 91 -2.68 -25.88 1.06
N TYR A 92 -2.84 -27.11 0.57
CA TYR A 92 -1.86 -27.75 -0.30
C TYR A 92 -2.44 -27.89 -1.70
N TYR A 93 -1.62 -27.60 -2.72
CA TYR A 93 -2.08 -27.54 -4.09
C TYR A 93 -1.07 -28.17 -5.05
N PHE A 94 -1.59 -28.62 -6.18
CA PHE A 94 -0.78 -28.91 -7.34
C PHE A 94 -0.73 -27.66 -8.20
N VAL A 95 0.43 -27.41 -8.82
CA VAL A 95 0.64 -26.25 -9.66
C VAL A 95 0.55 -26.69 -11.12
N LYS A 96 -0.40 -26.12 -11.85
CA LYS A 96 -0.49 -26.30 -13.30
C LYS A 96 -0.33 -24.94 -13.97
N PHE A 97 -0.26 -24.95 -15.31
CA PHE A 97 -0.07 -23.73 -16.07
C PHE A 97 -1.18 -23.55 -17.10
N LYS A 98 -1.68 -22.32 -17.19
CA LYS A 98 -2.73 -22.02 -18.17
C LYS A 98 -2.21 -22.06 -19.60
N ARG A 99 -0.97 -21.62 -19.82
CA ARG A 99 -0.29 -21.72 -21.11
C ARG A 99 1.20 -21.44 -20.95
N ASN A 104 7.45 -21.55 -21.54
CA ASN A 104 7.34 -21.63 -20.07
C ASN A 104 8.73 -21.96 -19.55
N PRO A 105 9.35 -21.02 -18.84
CA PRO A 105 10.74 -21.24 -18.40
C PRO A 105 10.87 -22.31 -17.34
N LEU A 106 9.75 -22.79 -16.78
CA LEU A 106 9.74 -23.89 -15.84
C LEU A 106 9.38 -25.23 -16.48
N SER A 107 9.09 -25.25 -17.78
CA SER A 107 8.62 -26.48 -18.41
C SER A 107 9.56 -27.65 -18.14
N GLN A 108 10.84 -27.37 -17.95
CA GLN A 108 11.80 -28.41 -17.65
C GLN A 108 11.51 -29.14 -16.34
N PHE A 109 10.71 -28.54 -15.44
CA PHE A 109 10.37 -29.17 -14.17
C PHE A 109 8.97 -29.79 -14.17
N LEU A 110 8.36 -29.96 -15.34
CA LEU A 110 7.03 -30.54 -15.38
C LEU A 110 7.10 -32.05 -15.19
N GLU A 111 6.17 -32.58 -14.39
CA GLU A 111 5.83 -34.01 -14.40
C GLU A 111 4.41 -34.06 -14.93
N GLY A 112 4.28 -34.37 -16.21
CA GLY A 112 3.01 -34.31 -16.89
C GLY A 112 2.49 -32.89 -16.99
N GLU A 113 1.33 -32.64 -16.38
CA GLU A 113 0.75 -31.31 -16.30
C GLU A 113 1.14 -30.55 -15.05
N ILE A 114 1.92 -31.16 -14.16
CA ILE A 114 2.20 -30.66 -12.82
C ILE A 114 3.64 -30.17 -12.72
N LEU A 115 3.82 -28.96 -12.18
CA LEU A 115 5.12 -28.50 -11.74
C LEU A 115 5.63 -29.36 -10.58
N SER A 116 6.74 -30.05 -10.78
CA SER A 116 7.28 -30.97 -9.77
C SER A 116 8.08 -30.20 -8.71
N ALA A 117 7.58 -30.21 -7.48
CA ALA A 117 8.36 -29.64 -6.37
C ALA A 117 9.69 -30.36 -6.20
N SER A 118 9.68 -31.68 -6.34
CA SER A 118 10.92 -32.46 -6.24
C SER A 118 11.98 -31.95 -7.21
N LYS A 119 11.62 -31.82 -8.49
CA LYS A 119 12.62 -31.45 -9.48
C LYS A 119 13.08 -30.02 -9.30
N MET A 120 12.14 -29.13 -9.01
CA MET A 120 12.50 -27.73 -8.88
C MET A 120 13.31 -27.49 -7.62
N LEU A 121 13.07 -28.28 -6.57
CA LEU A 121 13.96 -28.25 -5.42
C LEU A 121 15.35 -28.75 -5.78
N SER A 122 15.45 -29.83 -6.57
CA SER A 122 16.76 -30.36 -6.99
C SER A 122 17.62 -29.26 -7.59
N LYS A 123 17.05 -28.52 -8.55
CA LYS A 123 17.85 -27.54 -9.26
C LYS A 123 18.19 -26.37 -8.35
N PHE A 124 17.19 -25.90 -7.60
CA PHE A 124 17.42 -24.85 -6.62
C PHE A 124 18.59 -25.21 -5.71
N ARG A 125 18.66 -26.47 -5.27
CA ARG A 125 19.74 -26.90 -4.37
C ARG A 125 21.07 -27.00 -5.11
N LYS A 126 21.08 -27.59 -6.32
CA LYS A 126 22.30 -27.65 -7.12
C LYS A 126 22.95 -26.29 -7.27
N ILE A 127 22.16 -25.30 -7.71
CA ILE A 127 22.74 -23.99 -8.02
C ILE A 127 23.33 -23.38 -6.76
N ILE A 128 22.61 -23.46 -5.65
CA ILE A 128 23.11 -22.88 -4.40
C ILE A 128 24.41 -23.58 -3.99
N LYS A 129 24.47 -24.91 -4.11
CA LYS A 129 25.70 -25.63 -3.82
C LYS A 129 26.87 -25.14 -4.67
N GLU A 130 26.61 -24.85 -5.95
CA GLU A 130 27.64 -24.32 -6.83
C GLU A 130 28.24 -23.03 -6.28
N GLU A 131 27.39 -22.03 -6.02
CA GLU A 131 27.88 -20.72 -5.61
C GLU A 131 28.60 -20.80 -4.26
N ILE A 132 28.03 -21.52 -3.29
CA ILE A 132 28.69 -21.71 -2.00
C ILE A 132 30.07 -22.32 -2.20
N ASN A 133 30.19 -23.31 -3.09
CA ASN A 133 31.48 -23.92 -3.36
C ASN A 133 32.50 -22.88 -3.80
N ASP A 134 32.06 -21.88 -4.58
CA ASP A 134 33.00 -20.87 -5.07
C ASP A 134 33.36 -19.87 -3.99
N ILE A 135 32.42 -19.53 -3.10
CA ILE A 135 32.76 -18.60 -2.03
C ILE A 135 33.61 -19.33 -0.99
N ASP A 139 33.98 -18.19 2.60
CA ASP A 139 34.09 -19.22 3.64
C ASP A 139 32.71 -19.73 4.04
N VAL A 140 31.77 -19.72 3.07
CA VAL A 140 30.41 -20.20 3.33
C VAL A 140 30.35 -21.70 3.13
N ILE A 141 29.52 -22.37 3.95
CA ILE A 141 29.30 -23.81 3.85
C ILE A 141 27.79 -24.04 3.79
N MET A 142 27.41 -25.13 3.15
CA MET A 142 26.01 -25.43 2.91
C MET A 142 25.63 -26.79 3.50
N LYS A 143 24.33 -26.96 3.72
CA LYS A 143 23.76 -28.23 4.16
C LYS A 143 22.31 -28.28 3.69
N ARG A 144 21.92 -29.42 3.14
CA ARG A 144 20.55 -29.63 2.66
C ARG A 144 19.62 -29.89 3.84
N LYS A 145 18.45 -29.27 3.82
CA LYS A 145 17.50 -29.43 4.92
C LYS A 145 16.54 -30.58 4.66
N GLY A 148 10.88 -30.14 2.24
CA GLY A 148 11.19 -29.25 1.13
C GLY A 148 11.38 -27.79 1.49
N SER A 149 10.65 -27.31 2.48
CA SER A 149 10.75 -25.91 2.94
C SER A 149 11.06 -25.87 4.43
N PRO A 150 12.23 -25.34 4.86
CA PRO A 150 13.31 -24.73 4.05
C PRO A 150 14.01 -25.72 3.16
N ALA A 151 14.65 -25.28 2.07
CA ALA A 151 15.30 -26.17 1.12
C ALA A 151 16.76 -26.41 1.45
N VAL A 152 17.46 -25.38 1.95
CA VAL A 152 18.87 -25.50 2.33
C VAL A 152 19.12 -24.65 3.57
N THR A 153 20.25 -24.93 4.22
CA THR A 153 20.75 -24.12 5.33
C THR A 153 22.19 -23.76 5.03
N LEU A 154 22.48 -22.47 4.98
CA LEU A 154 23.85 -22.00 4.78
C LEU A 154 24.50 -21.74 6.13
N LEU A 155 25.73 -22.21 6.29
CA LEU A 155 26.57 -21.81 7.42
C LEU A 155 27.52 -20.71 6.95
N ILE A 156 27.38 -19.54 7.54
CA ILE A 156 28.19 -18.38 7.23
C ILE A 156 29.06 -18.10 8.44
N SER A 157 30.37 -17.99 8.24
CA SER A 157 31.28 -17.69 9.34
C SER A 157 31.12 -18.77 10.41
N GLU A 158 31.40 -18.41 11.67
CA GLU A 158 31.52 -19.43 12.72
C GLU A 158 30.16 -19.95 13.13
N LYS A 159 29.20 -19.05 13.40
CA LYS A 159 27.95 -19.50 14.01
C LYS A 159 26.72 -18.82 13.42
N ILE A 160 26.70 -18.50 12.12
CA ILE A 160 25.52 -17.95 11.48
C ILE A 160 24.94 -19.00 10.53
N SER A 161 23.64 -19.27 10.65
CA SER A 161 22.92 -20.14 9.73
C SER A 161 21.87 -19.32 8.99
N VAL A 162 21.55 -19.75 7.77
CA VAL A 162 20.50 -19.10 6.96
C VAL A 162 19.69 -20.18 6.25
N ASP A 163 18.46 -20.41 6.73
CA ASP A 163 17.51 -21.27 6.01
C ASP A 163 16.90 -20.51 4.84
N ILE A 164 16.92 -21.12 3.66
CA ILE A 164 16.40 -20.49 2.46
C ILE A 164 15.22 -21.31 1.95
N THR A 165 14.08 -20.64 1.80
CA THR A 165 12.88 -21.23 1.27
C THR A 165 12.66 -20.72 -0.16
N LEU A 166 12.38 -21.63 -1.08
CA LEU A 166 11.90 -21.28 -2.41
C LEU A 166 10.39 -21.05 -2.36
N ALA A 167 9.93 -19.97 -2.97
CA ALA A 167 8.51 -19.63 -2.95
C ALA A 167 8.06 -19.18 -4.33
N LEU A 168 7.09 -19.89 -4.91
CA LEU A 168 6.45 -19.41 -6.13
C LEU A 168 5.59 -18.20 -5.80
N GLU A 169 5.60 -17.21 -6.68
CA GLU A 169 4.75 -16.03 -6.55
C GLU A 169 3.64 -16.04 -7.59
N SER A 170 2.42 -15.78 -7.16
CA SER A 170 1.28 -15.65 -8.08
C SER A 170 0.61 -14.31 -7.82
N LYS A 171 0.50 -13.49 -8.88
CA LYS A 171 -0.22 -12.23 -8.77
C LYS A 171 -1.71 -12.37 -9.04
N SER A 172 -2.21 -13.60 -9.08
CA SER A 172 -3.62 -13.84 -9.31
C SER A 172 -4.42 -13.73 -8.01
N SER A 173 -5.74 -13.85 -8.14
CA SER A 173 -6.63 -13.82 -7.00
C SER A 173 -6.30 -14.94 -6.03
N TRP A 174 -6.41 -14.65 -4.74
CA TRP A 174 -6.11 -15.66 -3.73
C TRP A 174 -7.06 -16.84 -3.89
N PRO A 175 -6.63 -18.05 -3.54
CA PRO A 175 -7.49 -19.22 -3.75
C PRO A 175 -8.74 -19.17 -2.89
N ALA A 176 -9.72 -19.97 -3.30
CA ALA A 176 -11.06 -19.92 -2.72
C ALA A 176 -11.06 -20.21 -1.22
N SER A 177 -10.15 -21.07 -0.74
CA SER A 177 -10.04 -21.40 0.68
C SER A 177 -9.75 -20.19 1.56
N THR A 178 -9.34 -19.06 0.97
CA THR A 178 -9.02 -17.86 1.75
C THR A 178 -10.18 -16.88 1.81
N GLN A 179 -11.30 -17.20 1.13
CA GLN A 179 -12.39 -16.23 0.95
C GLN A 179 -12.92 -15.70 2.27
N GLU A 180 -12.98 -16.55 3.31
CA GLU A 180 -13.53 -16.12 4.59
C GLU A 180 -12.45 -15.82 5.62
N GLY A 181 -11.18 -15.79 5.21
CA GLY A 181 -10.08 -15.57 6.12
C GLY A 181 -9.75 -14.09 6.27
N LEU A 182 -8.63 -13.83 6.93
CA LEU A 182 -8.10 -12.49 7.15
C LEU A 182 -9.20 -11.52 7.64
N ARG A 183 -9.89 -11.93 8.72
CA ARG A 183 -11.06 -11.18 9.22
C ARG A 183 -10.64 -9.96 10.04
N ILE A 184 -9.96 -9.04 9.35
CA ILE A 184 -9.40 -7.83 9.93
C ILE A 184 -10.31 -6.61 9.75
N GLN A 185 -11.52 -6.79 9.20
CA GLN A 185 -12.33 -5.64 8.80
C GLN A 185 -12.67 -4.73 9.98
N ASN A 186 -12.97 -5.32 11.17
CA ASN A 186 -13.32 -4.46 12.30
C ASN A 186 -12.10 -3.90 13.00
N TRP A 187 -10.91 -4.35 12.62
CA TRP A 187 -9.66 -3.96 13.26
C TRP A 187 -8.83 -3.07 12.29
N LEU A 188 -8.28 -3.64 11.23
CA LEU A 188 -7.48 -2.85 10.30
C LEU A 188 -8.29 -2.22 9.17
N SER A 189 -9.53 -2.71 8.96
CA SER A 189 -10.56 -2.12 8.08
C SER A 189 -10.81 -2.97 6.85
N ALA A 190 -12.02 -2.81 6.31
CA ALA A 190 -12.39 -3.48 5.07
C ALA A 190 -11.57 -2.97 3.89
N LYS A 191 -11.18 -1.69 3.93
CA LYS A 191 -10.31 -1.13 2.92
C LYS A 191 -8.97 -1.86 2.91
N VAL A 192 -8.36 -2.01 4.07
CA VAL A 192 -7.06 -2.66 4.14
C VAL A 192 -7.16 -4.11 3.72
N ARG A 193 -8.21 -4.80 4.16
CA ARG A 193 -8.36 -6.18 3.75
C ARG A 193 -8.38 -6.30 2.22
N LYS A 194 -9.09 -5.39 1.55
CA LYS A 194 -9.15 -5.45 0.08
C LYS A 194 -7.79 -5.18 -0.55
N GLN A 195 -7.10 -4.14 -0.08
CA GLN A 195 -5.72 -3.90 -0.51
C GLN A 195 -4.82 -5.11 -0.30
N LEU A 196 -4.89 -5.75 0.86
CA LEU A 196 -3.98 -6.86 1.11
C LEU A 196 -4.28 -8.02 0.17
N ARG A 197 -5.55 -8.28 -0.13
CA ARG A 197 -5.92 -9.40 -0.98
C ARG A 197 -5.64 -9.13 -2.46
N LEU A 198 -5.31 -7.87 -2.81
CA LEU A 198 -4.79 -7.57 -4.14
C LEU A 198 -3.29 -7.82 -4.24
N LYS A 199 -2.61 -7.97 -3.10
CA LYS A 199 -1.21 -8.36 -3.13
C LYS A 199 -1.09 -9.81 -3.60
N PRO A 200 0.08 -10.22 -4.08
CA PRO A 200 0.26 -11.62 -4.50
C PRO A 200 0.24 -12.57 -3.31
N PHE A 201 0.18 -13.86 -3.63
CA PHE A 201 0.34 -14.90 -2.62
C PHE A 201 1.44 -15.83 -3.10
N TYR A 202 1.86 -16.73 -2.19
CA TYR A 202 3.07 -17.51 -2.39
C TYR A 202 2.77 -18.98 -2.15
N LEU A 203 3.59 -19.83 -2.80
CA LEU A 203 3.47 -21.27 -2.70
C LEU A 203 4.86 -21.83 -2.43
N VAL A 204 5.01 -22.59 -1.35
CA VAL A 204 6.32 -23.15 -1.00
C VAL A 204 6.23 -24.65 -1.20
N PRO A 205 7.31 -25.30 -1.63
CA PRO A 205 7.27 -26.76 -1.81
C PRO A 205 7.16 -27.44 -0.45
N LYS A 206 6.19 -28.34 -0.33
CA LYS A 206 5.85 -28.89 0.98
C LYS A 206 5.01 -30.14 0.75
N HIS A 207 5.55 -31.29 1.11
CA HIS A 207 4.78 -32.53 0.96
C HIS A 207 3.68 -32.59 2.02
N ALA A 208 2.60 -33.26 1.65
CA ALA A 208 1.45 -33.48 2.51
C ALA A 208 1.31 -34.96 2.82
N LYS A 209 0.68 -35.25 3.96
CA LYS A 209 0.47 -36.65 4.38
C LYS A 209 -0.47 -37.46 3.47
N GLY A 213 2.76 -42.89 2.81
CA GLY A 213 3.73 -41.87 3.17
C GLY A 213 3.24 -40.45 3.00
N PHE A 214 3.70 -39.80 1.93
CA PHE A 214 3.40 -38.39 1.72
C PHE A 214 3.27 -38.10 0.23
N GLN A 215 2.36 -37.19 -0.10
CA GLN A 215 2.23 -36.66 -1.45
C GLN A 215 3.35 -35.66 -1.71
N GLU A 216 4.24 -35.98 -2.66
CA GLU A 216 5.53 -35.31 -2.77
C GLU A 216 5.57 -34.23 -3.83
N GLU A 217 4.43 -33.86 -4.42
CA GLU A 217 4.44 -32.80 -5.42
C GLU A 217 3.45 -31.70 -5.07
N THR A 218 3.20 -31.48 -3.78
CA THR A 218 2.27 -30.45 -3.34
C THR A 218 3.02 -29.18 -2.97
N TRP A 219 2.36 -28.05 -3.14
CA TRP A 219 2.86 -26.73 -2.75
C TRP A 219 1.89 -26.13 -1.73
N ARG A 220 2.43 -25.50 -0.68
CA ARG A 220 1.60 -24.98 0.41
C ARG A 220 1.53 -23.46 0.34
N LEU A 221 0.34 -22.91 0.61
CA LEU A 221 0.18 -21.46 0.61
C LEU A 221 1.04 -20.83 1.70
N SER A 222 1.45 -19.59 1.45
CA SER A 222 2.26 -18.84 2.39
C SER A 222 1.81 -17.39 2.32
N PHE A 223 1.54 -16.82 3.49
CA PHE A 223 1.10 -15.43 3.62
C PHE A 223 2.02 -14.67 4.57
N SER A 224 3.24 -15.16 4.75
CA SER A 224 4.20 -14.53 5.65
C SER A 224 4.41 -13.04 5.37
N HIS A 225 4.34 -12.63 4.10
CA HIS A 225 4.48 -11.20 3.81
C HIS A 225 3.30 -10.40 4.39
N ILE A 226 2.11 -10.99 4.36
CA ILE A 226 0.94 -10.31 4.88
C ILE A 226 1.00 -10.28 6.40
N GLU A 227 1.46 -11.38 7.01
CA GLU A 227 1.68 -11.44 8.45
C GLU A 227 2.63 -10.33 8.90
N LYS A 228 3.76 -10.21 8.19
CA LYS A 228 4.70 -9.12 8.44
C LYS A 228 4.01 -7.77 8.37
N GLU A 229 3.21 -7.55 7.32
CA GLU A 229 2.61 -6.22 7.16
C GLU A 229 1.67 -5.89 8.31
N ILE A 230 0.90 -6.87 8.76
CA ILE A 230 -0.06 -6.61 9.82
C ILE A 230 0.68 -6.32 11.14
N LEU A 231 1.72 -7.10 11.44
CA LEU A 231 2.43 -6.91 12.71
C LEU A 231 3.04 -5.53 12.83
N ASN A 232 3.62 -5.01 11.73
CA ASN A 232 4.29 -3.71 11.68
C ASN A 232 3.38 -2.55 11.37
N ASN A 233 2.13 -2.78 11.05
CA ASN A 233 1.18 -1.73 10.81
C ASN A 233 -0.10 -2.26 11.43
N HIS A 234 -0.14 -2.24 12.77
CA HIS A 234 -1.00 -3.13 13.54
C HIS A 234 -2.14 -2.43 14.28
N GLY A 235 -2.22 -1.11 14.25
CA GLY A 235 -3.18 -0.41 15.08
C GLY A 235 -4.45 -0.12 14.28
N LYS A 236 -5.55 0.14 15.00
CA LYS A 236 -6.69 0.76 14.33
C LYS A 236 -6.37 2.20 13.95
N SER A 237 -5.66 2.91 14.81
CA SER A 237 -5.10 4.21 14.43
C SER A 237 -3.89 4.00 13.52
N LYS A 238 -3.82 4.81 12.47
CA LYS A 238 -2.64 4.78 11.62
C LYS A 238 -1.39 5.23 12.36
N THR A 239 -1.54 6.07 13.38
CA THR A 239 -0.37 6.55 14.13
C THR A 239 -0.14 5.75 15.40
N CYS A 240 -0.72 4.57 15.51
CA CYS A 240 -0.49 3.77 16.70
C CYS A 240 1.01 3.46 16.81
N CYS A 241 1.55 3.66 18.01
CA CYS A 241 2.96 3.56 18.38
C CYS A 241 3.88 4.59 17.74
N GLU A 242 3.36 5.64 17.10
CA GLU A 242 4.23 6.68 16.56
C GLU A 242 4.39 7.89 17.50
N ASN A 243 3.75 7.87 18.66
CA ASN A 243 3.85 8.97 19.63
C ASN A 243 3.59 8.39 21.03
N LYS A 244 3.91 9.18 22.05
CA LYS A 244 3.69 8.73 23.43
C LYS A 244 2.24 8.35 23.70
N GLU A 245 1.28 9.20 23.30
CA GLU A 245 -0.14 8.93 23.57
C GLU A 245 -0.61 7.58 23.06
N GLU A 246 0.05 7.02 22.05
CA GLU A 246 -0.50 5.87 21.34
C GLU A 246 0.41 4.66 21.39
N LYS A 247 1.33 4.57 22.37
CA LYS A 247 2.14 3.36 22.46
C LYS A 247 1.24 2.19 22.85
N CYS A 248 1.34 1.09 22.10
CA CYS A 248 0.56 -0.12 22.41
C CYS A 248 1.53 -1.26 22.73
N CYS A 249 1.01 -2.40 23.20
CA CYS A 249 1.88 -3.53 23.53
C CYS A 249 1.59 -4.76 22.66
N ARG A 250 1.02 -4.57 21.48
CA ARG A 250 0.74 -5.71 20.60
C ARG A 250 2.01 -6.48 20.23
N LYS A 251 3.04 -5.77 19.70
CA LYS A 251 4.24 -6.47 19.28
C LYS A 251 4.95 -7.13 20.46
N ASP A 252 5.02 -6.43 21.61
CA ASP A 252 5.63 -7.02 22.81
C ASP A 252 4.91 -8.29 23.26
N CYS A 253 3.56 -8.29 23.18
CA CYS A 253 2.81 -9.50 23.50
C CYS A 253 3.20 -10.68 22.63
N LEU A 254 3.30 -10.46 21.30
CA LEU A 254 3.69 -11.57 20.43
C LEU A 254 5.11 -12.06 20.76
N LYS A 255 6.05 -11.12 20.99
CA LYS A 255 7.41 -11.52 21.33
C LYS A 255 7.43 -12.41 22.57
N LEU A 256 6.70 -11.99 23.62
CA LEU A 256 6.62 -12.78 24.84
C LEU A 256 6.01 -14.16 24.58
N MET A 257 4.93 -14.22 23.79
CA MET A 257 4.36 -15.53 23.44
C MET A 257 5.37 -16.43 22.72
N LYS A 258 6.10 -15.88 21.75
CA LYS A 258 7.12 -16.68 21.06
C LYS A 258 8.21 -17.15 22.00
N TYR A 259 8.72 -16.23 22.83
CA TYR A 259 9.80 -16.58 23.75
C TYR A 259 9.34 -17.63 24.76
N LEU A 260 8.06 -17.59 25.16
CA LEU A 260 7.53 -18.60 26.07
C LEU A 260 7.58 -19.99 25.44
N LEU A 261 7.06 -20.12 24.22
CA LEU A 261 7.06 -21.41 23.54
C LEU A 261 8.48 -21.88 23.32
N GLU A 262 9.37 -20.98 22.91
CA GLU A 262 10.73 -21.38 22.59
C GLU A 262 11.44 -21.90 23.83
N GLN A 263 11.28 -21.22 24.96
CA GLN A 263 11.90 -21.69 26.19
C GLN A 263 11.35 -23.05 26.61
N LEU A 264 10.05 -23.25 26.46
CA LEU A 264 9.46 -24.54 26.81
C LEU A 264 9.91 -25.64 25.86
N LYS A 265 9.99 -25.35 24.55
CA LYS A 265 10.46 -26.40 23.64
C LYS A 265 11.89 -26.78 23.99
N GLU A 266 12.73 -25.80 24.28
CA GLU A 266 14.09 -26.10 24.71
C GLU A 266 14.07 -26.93 25.99
N ARG A 267 13.32 -26.46 27.01
CA ARG A 267 13.28 -27.16 28.30
C ARG A 267 12.89 -28.62 28.16
N PHE A 268 11.96 -28.94 27.27
CA PHE A 268 11.49 -30.31 27.11
C PHE A 268 11.93 -30.92 25.77
N LYS A 269 13.10 -30.53 25.28
CA LYS A 269 13.61 -31.07 24.01
C LYS A 269 13.66 -32.59 24.01
N ASP A 270 13.76 -33.23 25.17
CA ASP A 270 13.91 -34.66 25.27
C ASP A 270 12.59 -35.41 25.22
N LYS A 271 11.47 -34.69 25.27
CA LYS A 271 10.15 -35.29 25.11
C LYS A 271 9.68 -35.05 23.68
N LYS A 272 8.82 -35.93 23.18
CA LYS A 272 8.18 -35.71 21.90
C LYS A 272 6.98 -34.77 22.00
N HIS A 273 6.61 -34.35 23.21
CA HIS A 273 5.32 -33.70 23.42
C HIS A 273 5.23 -32.32 22.78
N LEU A 274 6.33 -31.59 22.70
CA LEU A 274 6.28 -30.22 22.19
C LEU A 274 6.88 -30.07 20.79
N ASP A 275 7.21 -31.18 20.14
CA ASP A 275 7.93 -31.10 18.87
C ASP A 275 7.10 -30.49 17.76
N LYS A 276 5.79 -30.70 17.77
CA LYS A 276 4.94 -30.24 16.67
C LYS A 276 4.43 -28.82 16.87
N PHE A 277 4.75 -28.17 17.99
CA PHE A 277 4.36 -26.77 18.19
C PHE A 277 5.42 -25.86 17.61
N SER A 278 5.00 -24.76 16.99
CA SER A 278 5.94 -23.82 16.40
C SER A 278 5.47 -22.38 16.61
N SER A 279 6.34 -21.44 16.25
CA SER A 279 5.98 -20.02 16.32
C SER A 279 4.76 -19.69 15.47
N TYR A 280 4.44 -20.51 14.47
CA TYR A 280 3.27 -20.22 13.65
C TYR A 280 1.97 -20.40 14.45
N HIS A 281 1.92 -21.41 15.33
CA HIS A 281 0.77 -21.56 16.23
C HIS A 281 0.59 -20.33 17.11
N VAL A 282 1.68 -19.90 17.77
CA VAL A 282 1.63 -18.72 18.63
C VAL A 282 1.19 -17.49 17.84
N LYS A 283 1.79 -17.29 16.65
CA LYS A 283 1.46 -16.11 15.86
C LYS A 283 0.03 -16.16 15.38
N THR A 284 -0.43 -17.33 14.92
CA THR A 284 -1.83 -17.46 14.54
C THR A 284 -2.74 -17.13 15.73
N ALA A 285 -2.48 -17.71 16.91
CA ALA A 285 -3.26 -17.39 18.10
C ALA A 285 -3.31 -15.88 18.33
N PHE A 286 -2.15 -15.23 18.22
CA PHE A 286 -2.05 -13.81 18.45
C PHE A 286 -2.95 -13.02 17.50
N PHE A 287 -2.89 -13.31 16.18
CA PHE A 287 -3.73 -12.55 15.25
C PHE A 287 -5.20 -12.71 15.60
N HIS A 288 -5.62 -13.90 16.01
CA HIS A 288 -7.00 -14.07 16.47
C HIS A 288 -7.31 -13.16 17.65
N VAL A 289 -6.35 -12.97 18.55
CA VAL A 289 -6.58 -12.07 19.68
C VAL A 289 -6.68 -10.63 19.19
N CYS A 290 -5.87 -10.25 18.20
CA CYS A 290 -6.01 -8.92 17.61
C CYS A 290 -7.41 -8.71 17.04
N THR A 291 -7.97 -9.75 16.41
CA THR A 291 -9.32 -9.66 15.89
C THR A 291 -10.35 -9.52 17.01
N GLN A 292 -10.20 -10.31 18.07
CA GLN A 292 -11.13 -10.23 19.20
C GLN A 292 -11.02 -8.90 19.93
N ASN A 293 -9.87 -8.24 19.87
CA ASN A 293 -9.62 -7.00 20.60
C ASN A 293 -9.12 -5.94 19.63
N PRO A 294 -10.03 -5.37 18.82
CA PRO A 294 -9.60 -4.47 17.73
C PRO A 294 -9.22 -3.05 18.13
N GLN A 295 -9.66 -2.54 19.29
CA GLN A 295 -9.38 -1.16 19.64
C GLN A 295 -7.99 -1.01 20.24
N ASP A 296 -7.31 0.08 19.85
CA ASP A 296 -5.96 0.28 20.35
C ASP A 296 -5.95 0.47 21.87
N SER A 297 -7.04 1.03 22.43
CA SER A 297 -7.10 1.20 23.88
C SER A 297 -7.13 -0.12 24.63
N GLN A 298 -7.39 -1.24 23.94
CA GLN A 298 -7.33 -2.53 24.60
C GLN A 298 -5.92 -3.06 24.68
N TRP A 299 -4.95 -2.30 24.18
CA TRP A 299 -3.56 -2.75 24.14
C TRP A 299 -2.63 -1.70 24.72
N ASP A 300 -3.14 -0.86 25.62
CA ASP A 300 -2.33 0.17 26.28
C ASP A 300 -1.05 -0.45 26.84
N ARG A 301 0.08 0.21 26.57
CA ARG A 301 1.39 -0.30 26.97
C ARG A 301 1.47 -0.47 28.47
N LYS A 302 0.78 0.39 29.22
CA LYS A 302 0.72 0.28 30.67
C LYS A 302 0.02 -1.00 31.15
N ASP A 303 -0.71 -1.69 30.24
CA ASP A 303 -1.46 -2.89 30.54
C ASP A 303 -0.78 -4.16 30.01
N LEU A 304 0.53 -4.11 29.79
CA LEU A 304 1.29 -5.24 29.25
C LEU A 304 1.01 -6.54 30.01
N GLY A 305 0.96 -6.43 31.34
CA GLY A 305 0.78 -7.62 32.16
C GLY A 305 -0.52 -8.33 31.83
N LEU A 306 -1.63 -7.59 31.83
CA LEU A 306 -2.91 -8.22 31.55
C LEU A 306 -3.07 -8.56 30.07
N CYS A 307 -2.47 -7.76 29.18
CA CYS A 307 -2.54 -8.06 27.76
C CYS A 307 -1.86 -9.39 27.43
N PHE A 308 -0.62 -9.57 27.89
CA PHE A 308 0.05 -10.86 27.70
C PHE A 308 -0.72 -12.00 28.38
N ASP A 309 -1.23 -11.77 29.59
CA ASP A 309 -2.01 -12.81 30.25
C ASP A 309 -3.18 -13.25 29.40
N ASN A 310 -3.82 -12.28 28.73
CA ASN A 310 -4.99 -12.59 27.91
C ASN A 310 -4.60 -13.27 26.60
N CYS A 311 -3.37 -13.00 26.10
CA CYS A 311 -2.86 -13.78 24.96
C CYS A 311 -2.56 -15.20 25.38
N VAL A 312 -1.93 -15.37 26.54
CA VAL A 312 -1.64 -16.70 27.05
C VAL A 312 -2.94 -17.49 27.21
N THR A 313 -3.94 -16.84 27.79
CA THR A 313 -5.22 -17.48 28.03
C THR A 313 -5.88 -17.91 26.73
N TYR A 314 -5.81 -17.07 25.70
CA TYR A 314 -6.43 -17.42 24.42
C TYR A 314 -5.75 -18.63 23.81
N PHE A 315 -4.41 -18.65 23.80
CA PHE A 315 -3.68 -19.79 23.27
C PHE A 315 -4.06 -21.07 24.01
N LEU A 316 -4.15 -20.99 25.34
CA LEU A 316 -4.55 -22.15 26.14
C LEU A 316 -5.94 -22.63 25.76
N GLN A 317 -6.89 -21.69 25.57
CA GLN A 317 -8.23 -22.08 25.18
C GLN A 317 -8.22 -22.81 23.83
N CYS A 318 -7.35 -22.36 22.90
CA CYS A 318 -7.20 -23.09 21.64
C CYS A 318 -6.69 -24.51 21.89
N LEU A 319 -5.70 -24.66 22.80
CA LEU A 319 -5.17 -25.98 23.13
C LEU A 319 -6.24 -26.90 23.71
N ARG A 320 -7.03 -26.42 24.67
CA ARG A 320 -7.98 -27.30 25.34
C ARG A 320 -9.10 -27.72 24.40
N THR A 321 -9.61 -26.79 23.58
CA THR A 321 -10.67 -27.11 22.60
C THR A 321 -10.13 -27.73 21.30
N GLU A 322 -8.80 -27.79 21.13
CA GLU A 322 -8.15 -28.34 19.93
C GLU A 322 -8.60 -27.62 18.67
N LYS A 323 -8.76 -26.30 18.78
CA LYS A 323 -9.24 -25.46 17.69
C LYS A 323 -8.30 -24.29 17.56
N LEU A 324 -7.62 -24.19 16.42
CA LEU A 324 -6.76 -23.05 16.09
C LEU A 324 -6.89 -22.89 14.58
N GLU A 325 -7.87 -22.11 14.14
CA GLU A 325 -8.04 -21.92 12.70
C GLU A 325 -6.86 -21.17 12.11
N ASN A 326 -6.40 -21.64 10.95
CA ASN A 326 -5.47 -20.82 10.19
C ASN A 326 -6.08 -19.45 9.94
N TYR A 327 -5.29 -18.39 10.16
CA TYR A 327 -5.83 -17.03 10.11
C TYR A 327 -6.28 -16.65 8.71
N PHE A 328 -5.69 -17.27 7.71
CA PHE A 328 -5.98 -16.97 6.32
C PHE A 328 -6.87 -18.00 5.67
N ILE A 329 -6.86 -19.22 6.20
CA ILE A 329 -7.63 -20.35 5.65
C ILE A 329 -8.44 -20.93 6.81
N PRO A 330 -9.62 -20.38 7.09
CA PRO A 330 -10.28 -20.74 8.37
C PRO A 330 -10.75 -22.18 8.45
N GLU A 331 -10.85 -22.90 7.33
CA GLU A 331 -11.22 -24.30 7.41
C GLU A 331 -10.03 -25.20 7.74
N PHE A 332 -8.82 -24.65 7.80
CA PHE A 332 -7.63 -25.40 8.14
C PHE A 332 -7.38 -25.27 9.66
N ASN A 333 -7.59 -26.36 10.39
CA ASN A 333 -7.41 -26.40 11.83
C ASN A 333 -5.99 -26.83 12.17
N LEU A 334 -5.17 -25.87 12.61
CA LEU A 334 -3.80 -26.17 12.99
C LEU A 334 -3.74 -27.11 14.20
N PHE A 335 -4.73 -27.06 15.08
CA PHE A 335 -4.76 -27.95 16.24
C PHE A 335 -5.61 -29.20 16.03
N SER A 336 -5.79 -29.64 14.79
CA SER A 336 -6.51 -30.89 14.56
C SER A 336 -5.80 -32.06 15.25
N SER A 337 -6.57 -33.04 15.68
CA SER A 337 -5.92 -34.21 16.24
C SER A 337 -5.25 -35.06 15.16
N ASN A 338 -5.55 -34.83 13.88
CA ASN A 338 -4.79 -35.46 12.80
C ASN A 338 -3.38 -34.89 12.67
N LEU A 339 -3.15 -33.70 13.21
CA LEU A 339 -1.84 -33.06 13.17
C LEU A 339 -1.10 -33.14 14.51
N ILE A 340 -1.76 -32.84 15.62
CA ILE A 340 -1.13 -32.88 16.94
C ILE A 340 -2.08 -33.63 17.87
N ASP A 341 -1.57 -34.64 18.56
CA ASP A 341 -2.52 -35.42 19.34
C ASP A 341 -2.85 -34.75 20.69
N LYS A 342 -3.98 -35.17 21.27
CA LYS A 342 -4.52 -34.50 22.47
C LYS A 342 -3.48 -34.45 23.58
N ARG A 343 -2.75 -35.57 23.80
CA ARG A 343 -1.78 -35.63 24.88
C ARG A 343 -0.75 -34.51 24.78
N SER A 344 -0.28 -34.20 23.57
CA SER A 344 0.72 -33.15 23.44
C SER A 344 0.16 -31.80 23.83
N LYS A 345 -1.07 -31.52 23.43
CA LYS A 345 -1.70 -30.26 23.75
C LYS A 345 -1.95 -30.16 25.26
N GLU A 346 -2.31 -31.28 25.89
CA GLU A 346 -2.53 -31.28 27.34
C GLU A 346 -1.22 -31.03 28.10
N PHE A 347 -0.10 -31.58 27.59
CA PHE A 347 1.17 -31.34 28.23
C PHE A 347 1.54 -29.86 28.15
N LEU A 348 1.45 -29.29 26.95
CA LEU A 348 1.77 -27.88 26.79
C LEU A 348 0.82 -27.03 27.64
N THR A 349 -0.45 -27.41 27.70
CA THR A 349 -1.40 -26.70 28.54
C THR A 349 -0.95 -26.68 29.99
N LYS A 350 -0.54 -27.85 30.51
CA LYS A 350 -0.11 -27.96 31.90
C LYS A 350 1.12 -27.12 32.19
N GLN A 351 2.08 -27.12 31.25
CA GLN A 351 3.34 -26.42 31.47
C GLN A 351 3.13 -24.91 31.48
N ILE A 352 2.38 -24.39 30.49
CA ILE A 352 2.09 -22.96 30.45
C ILE A 352 1.32 -22.53 31.70
N GLU A 353 0.32 -23.31 32.11
CA GLU A 353 -0.44 -22.97 33.31
C GLU A 353 0.48 -22.90 34.54
N TYR A 354 1.39 -23.85 34.66
CA TYR A 354 2.39 -23.80 35.72
C TYR A 354 3.20 -22.52 35.61
N GLU A 355 3.76 -22.23 34.43
CA GLU A 355 4.54 -21.01 34.28
C GLU A 355 3.75 -19.80 34.72
N ARG A 356 2.51 -19.68 34.25
CA ARG A 356 1.72 -18.48 34.51
C ARG A 356 1.37 -18.36 35.99
N ASN A 357 1.14 -19.48 36.67
CA ASN A 357 0.88 -19.43 38.12
C ASN A 357 2.12 -19.06 38.92
N ASN A 358 3.32 -19.23 38.34
CA ASN A 358 4.57 -19.05 39.08
C ASN A 358 5.38 -17.87 38.55
N GLU A 359 4.71 -16.92 37.89
CA GLU A 359 5.33 -15.73 37.30
C GLU A 359 6.45 -16.08 36.32
N PHE A 360 6.20 -17.12 35.53
CA PHE A 360 7.04 -17.50 34.41
C PHE A 360 8.51 -17.66 34.79
N PRO A 361 8.83 -18.63 35.66
CA PRO A 361 10.24 -18.94 35.93
C PRO A 361 11.03 -19.28 34.67
N VAL A 362 10.39 -19.87 33.66
CA VAL A 362 11.12 -20.29 32.47
C VAL A 362 11.78 -19.10 31.78
N PHE A 363 11.27 -17.88 32.00
CA PHE A 363 11.88 -16.73 31.36
C PHE A 363 13.32 -16.54 31.80
N ASP A 364 13.61 -16.75 33.09
CA ASP A 364 14.99 -16.68 33.54
C ASP A 364 15.66 -18.06 33.48
N GLY B 5 -28.04 27.00 8.49
CA GLY B 5 -28.52 26.38 7.27
C GLY B 5 -27.72 25.13 6.93
N ALA B 6 -27.40 24.33 7.95
CA ALA B 6 -26.66 23.10 7.72
C ALA B 6 -27.49 22.13 6.89
N SER B 7 -28.80 22.05 7.16
CA SER B 7 -29.66 21.17 6.37
C SER B 7 -29.64 21.56 4.90
N LYS B 8 -29.39 22.83 4.59
CA LYS B 8 -29.22 23.25 3.19
C LYS B 8 -28.01 22.57 2.57
N LEU B 9 -26.90 22.55 3.31
CA LEU B 9 -25.70 21.84 2.86
C LEU B 9 -26.03 20.40 2.48
N ARG B 10 -26.80 19.72 3.34
CA ARG B 10 -27.15 18.33 3.06
C ARG B 10 -27.99 18.22 1.79
N ALA B 11 -28.94 19.14 1.59
CA ALA B 11 -29.73 19.14 0.35
C ALA B 11 -28.83 19.21 -0.88
N VAL B 12 -27.79 20.05 -0.80
CA VAL B 12 -26.81 20.16 -1.88
C VAL B 12 -26.14 18.81 -2.13
N LEU B 13 -25.60 18.22 -1.06
CA LEU B 13 -24.89 16.94 -1.17
C LEU B 13 -25.80 15.86 -1.72
N GLU B 14 -27.08 15.89 -1.32
CA GLU B 14 -28.04 14.95 -1.86
C GLU B 14 -28.15 15.10 -3.37
N LYS B 15 -28.30 16.33 -3.85
CA LYS B 15 -28.48 16.57 -5.28
C LYS B 15 -27.23 16.20 -6.07
N LEU B 16 -26.05 16.46 -5.51
CA LEU B 16 -24.81 16.13 -6.19
C LEU B 16 -24.69 14.63 -6.38
N LYS B 17 -25.08 13.85 -5.36
CA LYS B 17 -25.02 12.40 -5.44
C LYS B 17 -25.97 11.87 -6.51
N LEU B 18 -27.18 12.41 -6.60
CA LEU B 18 -28.09 11.96 -7.63
C LEU B 18 -27.56 12.30 -9.01
N SER B 19 -26.94 13.48 -9.15
CA SER B 19 -26.39 13.88 -10.45
C SER B 19 -25.30 12.92 -10.90
N ARG B 20 -24.48 12.45 -9.96
CA ARG B 20 -23.43 11.50 -10.30
C ARG B 20 -24.00 10.13 -10.66
N ASP B 21 -24.97 9.65 -9.87
CA ASP B 21 -25.44 8.28 -10.01
C ASP B 21 -26.15 8.07 -11.34
N ASP B 22 -26.91 9.06 -11.80
CA ASP B 22 -27.61 8.92 -13.07
C ASP B 22 -26.72 9.25 -14.26
N ILE B 23 -25.43 9.47 -14.03
CA ILE B 23 -24.48 9.79 -15.08
C ILE B 23 -23.13 9.12 -14.79
N THR B 25 -22.93 5.85 -16.24
CA THR B 25 -23.26 5.48 -17.61
C THR B 25 -22.31 6.14 -18.60
N ALA B 26 -22.21 7.47 -18.47
CA ALA B 26 -21.30 8.23 -19.29
C ALA B 26 -19.88 7.70 -19.15
N ALA B 27 -19.46 7.42 -17.92
CA ALA B 27 -18.11 6.95 -17.66
C ALA B 27 -17.80 5.66 -18.41
N GLY B 28 -18.83 4.86 -18.73
CA GLY B 28 -18.62 3.69 -19.56
C GLY B 28 -18.32 4.06 -20.99
N MET B 29 -18.99 5.09 -21.52
CA MET B 29 -18.65 5.60 -22.85
C MET B 29 -17.20 6.06 -22.90
N VAL B 30 -16.77 6.83 -21.90
CA VAL B 30 -15.39 7.29 -21.82
C VAL B 30 -14.44 6.10 -21.82
N LYS B 31 -14.67 5.15 -20.92
CA LYS B 31 -13.84 3.94 -20.86
C LYS B 31 -13.62 3.35 -22.24
N GLY B 32 -14.70 3.23 -23.02
CA GLY B 32 -14.56 2.66 -24.36
C GLY B 32 -13.54 3.40 -25.18
N VAL B 33 -13.67 4.72 -25.27
CA VAL B 33 -12.77 5.51 -26.11
C VAL B 33 -11.34 5.42 -25.58
N VAL B 34 -11.18 5.53 -24.25
CA VAL B 34 -9.84 5.46 -23.66
C VAL B 34 -9.18 4.11 -23.98
N ASP B 35 -9.96 3.03 -24.00
CA ASP B 35 -9.41 1.71 -24.31
C ASP B 35 -8.89 1.63 -25.74
N HIS B 36 -9.68 2.12 -26.70
CA HIS B 36 -9.23 2.20 -28.09
C HIS B 36 -7.95 3.03 -28.23
N LEU B 37 -7.91 4.19 -27.58
CA LEU B 37 -6.75 5.06 -27.73
C LEU B 37 -5.50 4.40 -27.19
N LEU B 38 -5.59 3.84 -25.98
CA LEU B 38 -4.43 3.20 -25.38
C LEU B 38 -3.92 2.06 -26.24
N LEU B 39 -4.83 1.33 -26.91
CA LEU B 39 -4.40 0.26 -27.80
C LEU B 39 -3.57 0.78 -28.97
N ARG B 40 -4.03 1.85 -29.64
CA ARG B 40 -3.25 2.43 -30.73
C ARG B 40 -1.95 3.05 -30.26
N LEU B 41 -2.00 3.85 -29.19
CA LEU B 41 -0.79 4.48 -28.66
C LEU B 41 0.30 3.47 -28.39
N LYS B 42 -0.06 2.32 -27.82
CA LYS B 42 0.93 1.28 -27.53
C LYS B 42 1.56 0.70 -28.80
N CYS B 43 1.08 1.07 -29.99
CA CYS B 43 1.68 0.63 -31.24
C CYS B 43 2.80 1.56 -31.70
N ASP B 44 2.87 2.78 -31.16
CA ASP B 44 4.03 3.63 -31.39
C ASP B 44 5.17 3.21 -30.46
N SER B 45 6.36 2.97 -31.05
CA SER B 45 7.49 2.55 -30.24
C SER B 45 7.81 3.56 -29.14
N ALA B 46 7.53 4.85 -29.40
CA ALA B 46 7.80 5.88 -28.39
C ALA B 46 6.79 5.87 -27.25
N PHE B 47 5.58 5.36 -27.47
CA PHE B 47 4.56 5.34 -26.42
C PHE B 47 4.27 3.92 -25.94
N ARG B 48 5.19 2.99 -26.19
CA ARG B 48 4.94 1.56 -25.97
C ARG B 48 4.38 1.29 -24.59
N GLY B 49 4.99 1.88 -23.57
CA GLY B 49 4.57 1.62 -22.21
C GLY B 49 3.50 2.54 -21.68
N VAL B 50 2.64 3.07 -22.54
CA VAL B 50 1.60 3.98 -22.08
C VAL B 50 0.50 3.20 -21.39
N GLY B 51 -0.03 3.79 -20.31
CA GLY B 51 -1.13 3.16 -19.61
C GLY B 51 -1.90 4.19 -18.81
N LEU B 52 -2.98 3.72 -18.19
CA LEU B 52 -3.85 4.63 -17.47
C LEU B 52 -3.26 4.95 -16.10
N LEU B 53 -3.64 6.11 -15.58
CA LEU B 53 -3.32 6.46 -14.19
C LEU B 53 -4.62 6.78 -13.44
N TYR B 59 -10.91 7.55 -15.04
CA TYR B 59 -11.70 8.78 -15.14
C TYR B 59 -11.80 9.45 -13.77
N GLU B 60 -11.75 10.77 -13.79
CA GLU B 60 -11.94 11.61 -12.62
C GLU B 60 -12.75 12.83 -13.06
N HIS B 61 -13.25 13.60 -12.10
CA HIS B 61 -13.99 14.83 -12.38
C HIS B 61 -13.32 16.00 -11.70
N VAL B 62 -12.98 17.03 -12.50
CA VAL B 62 -12.48 18.26 -11.94
C VAL B 62 -13.61 19.11 -11.40
N LYS B 63 -14.72 19.20 -12.15
CA LYS B 63 -15.89 19.96 -11.74
C LYS B 63 -16.94 19.00 -11.20
N ILE B 64 -17.14 19.02 -9.87
CA ILE B 64 -18.18 18.24 -9.20
C ILE B 64 -19.53 18.46 -9.85
N SER B 65 -19.79 19.66 -10.34
CA SER B 65 -21.08 20.05 -10.90
C SER B 65 -21.18 19.81 -12.41
N ALA B 66 -20.25 19.05 -13.00
CA ALA B 66 -20.22 18.77 -14.44
C ALA B 66 -19.95 17.29 -14.60
N PRO B 67 -20.95 16.44 -14.36
CA PRO B 67 -20.71 14.99 -14.40
C PRO B 67 -20.35 14.47 -15.79
N ASN B 68 -20.71 15.17 -16.86
CA ASN B 68 -20.37 14.77 -18.22
C ASN B 68 -18.99 15.22 -18.67
N GLU B 69 -18.21 15.88 -17.81
CA GLU B 69 -16.87 16.37 -18.11
C GLU B 69 -15.84 15.56 -17.34
N PHE B 70 -15.18 14.65 -18.06
CA PHE B 70 -14.27 13.70 -17.45
C PHE B 70 -12.82 14.14 -17.63
N ASP B 71 -11.97 13.65 -16.74
CA ASP B 71 -10.56 13.97 -16.73
C ASP B 71 -9.73 12.70 -16.62
N VAL B 72 -8.82 12.52 -17.58
CA VAL B 72 -8.12 11.25 -17.81
C VAL B 72 -6.64 11.54 -17.95
N MET B 73 -5.79 10.74 -17.31
CA MET B 73 -4.35 10.91 -17.45
C MET B 73 -3.74 9.62 -18.02
N PHE B 74 -2.94 9.77 -19.09
CA PHE B 74 -2.15 8.69 -19.68
C PHE B 74 -0.70 8.81 -19.21
N LYS B 75 -0.22 7.83 -18.47
CA LYS B 75 1.17 7.85 -17.99
C LYS B 75 2.07 7.02 -18.88
N LEU B 76 3.37 7.36 -18.82
CA LEU B 76 4.40 6.68 -19.61
C LEU B 76 5.70 6.65 -18.80
N GLU B 77 6.24 5.48 -18.52
CA GLU B 77 7.42 5.45 -17.68
C GLU B 77 8.65 5.93 -18.46
N VAL B 78 9.42 6.80 -17.81
CA VAL B 78 10.69 7.28 -18.36
C VAL B 78 11.80 6.78 -17.44
N PRO B 79 12.42 5.64 -17.75
CA PRO B 79 13.50 5.15 -16.90
C PRO B 79 14.69 6.09 -16.96
N ARG B 80 15.48 6.11 -15.88
CA ARG B 80 16.76 6.80 -15.86
C ARG B 80 16.58 8.29 -16.09
N ILE B 81 15.48 8.84 -15.57
CA ILE B 81 15.21 10.26 -15.78
C ILE B 81 16.26 11.10 -15.06
N GLN B 82 16.55 12.28 -15.61
CA GLN B 82 17.39 13.27 -14.95
C GLN B 82 16.70 14.62 -15.06
N LEU B 83 16.33 15.19 -13.92
CA LEU B 83 15.57 16.42 -13.86
C LEU B 83 16.50 17.62 -13.65
N GLU B 84 16.16 18.73 -14.31
CA GLU B 84 16.86 19.98 -14.13
C GLU B 84 15.80 21.03 -13.83
N GLU B 85 15.78 21.52 -12.58
CA GLU B 85 14.81 22.53 -12.17
C GLU B 85 14.87 23.75 -13.08
N TYR B 86 13.72 24.29 -13.42
CA TYR B 86 13.65 25.46 -14.27
C TYR B 86 13.53 26.71 -13.41
N SER B 87 14.56 27.55 -13.44
CA SER B 87 14.54 28.90 -12.88
C SER B 87 13.93 28.94 -11.48
N ASN B 88 14.44 28.06 -10.61
CA ASN B 88 14.07 28.02 -9.18
C ASN B 88 12.56 27.86 -8.94
N THR B 89 11.81 27.36 -9.91
CA THR B 89 10.35 27.34 -9.78
C THR B 89 9.87 26.27 -8.80
N ARG B 90 10.73 25.30 -8.45
CA ARG B 90 10.40 24.22 -7.53
C ARG B 90 9.40 23.19 -8.09
N ALA B 91 8.53 23.61 -9.01
CA ALA B 91 7.55 22.70 -9.61
C ALA B 91 7.79 22.37 -11.07
N TYR B 92 8.56 23.20 -11.81
CA TYR B 92 8.79 23.05 -13.25
C TYR B 92 10.22 22.58 -13.51
N TYR B 93 10.38 21.70 -14.52
CA TYR B 93 11.65 21.04 -14.78
C TYR B 93 11.82 20.77 -16.26
N PHE B 94 13.07 20.74 -16.68
CA PHE B 94 13.46 20.14 -17.94
C PHE B 94 13.74 18.66 -17.69
N VAL B 95 13.36 17.83 -18.65
CA VAL B 95 13.65 16.40 -18.59
C VAL B 95 14.88 16.10 -19.44
N LYS B 96 15.88 15.52 -18.80
CA LYS B 96 17.08 15.00 -19.45
C LYS B 96 17.19 13.52 -19.09
N PHE B 97 18.24 12.88 -19.63
CA PHE B 97 18.35 11.44 -19.50
C PHE B 97 19.74 11.04 -19.04
N LYS B 98 19.79 10.05 -18.17
CA LYS B 98 21.07 9.50 -17.73
C LYS B 98 21.66 8.52 -18.76
N ASN B 104 16.94 4.70 -26.46
CA ASN B 104 15.98 5.57 -25.76
C ASN B 104 14.77 5.76 -26.67
N PRO B 105 13.61 5.27 -26.24
CA PRO B 105 12.42 5.33 -27.12
C PRO B 105 11.96 6.74 -27.43
N LEU B 106 12.31 7.72 -26.61
CA LEU B 106 11.89 9.11 -26.80
C LEU B 106 12.91 9.94 -27.57
N SER B 107 14.00 9.33 -28.07
CA SER B 107 15.08 10.13 -28.63
C SER B 107 14.61 10.97 -29.81
N GLN B 108 13.52 10.58 -30.45
CA GLN B 108 12.99 11.38 -31.55
C GLN B 108 12.36 12.68 -31.07
N PHE B 109 12.25 12.88 -29.76
CA PHE B 109 11.68 14.11 -29.23
C PHE B 109 12.73 15.03 -28.62
N LEU B 110 14.01 14.72 -28.76
CA LEU B 110 15.02 15.51 -28.09
C LEU B 110 15.25 16.85 -28.79
N GLU B 111 15.52 17.87 -27.98
CA GLU B 111 16.18 19.08 -28.44
C GLU B 111 17.50 19.17 -27.68
N GLY B 112 18.59 18.91 -28.37
CA GLY B 112 19.88 18.77 -27.71
C GLY B 112 19.81 17.76 -26.59
N GLU B 113 19.84 18.24 -25.35
CA GLU B 113 19.81 17.37 -24.20
C GLU B 113 18.41 17.17 -23.60
N ILE B 114 17.46 18.06 -23.89
CA ILE B 114 16.17 18.08 -23.19
C ILE B 114 15.10 17.40 -24.02
N LEU B 115 14.19 16.74 -23.32
CA LEU B 115 12.97 16.20 -23.94
C LEU B 115 12.06 17.36 -24.32
N SER B 116 11.70 17.44 -25.61
CA SER B 116 10.79 18.50 -26.04
C SER B 116 9.37 18.10 -25.67
N ALA B 117 8.75 18.86 -24.77
CA ALA B 117 7.33 18.71 -24.52
C ALA B 117 6.53 19.09 -25.76
N SER B 118 6.98 20.12 -26.50
CA SER B 118 6.32 20.53 -27.73
C SER B 118 6.27 19.39 -28.73
N LYS B 119 7.39 18.71 -28.93
CA LYS B 119 7.46 17.59 -29.86
C LYS B 119 6.66 16.41 -29.35
N MET B 120 6.87 16.04 -28.08
CA MET B 120 6.13 14.91 -27.51
C MET B 120 4.62 15.11 -27.64
N LEU B 121 4.15 16.31 -27.30
CA LEU B 121 2.73 16.60 -27.35
C LEU B 121 2.20 16.61 -28.77
N SER B 122 2.94 17.22 -29.70
CA SER B 122 2.50 17.24 -31.09
C SER B 122 2.20 15.84 -31.58
N LYS B 123 3.05 14.87 -31.24
CA LYS B 123 2.86 13.51 -31.73
C LYS B 123 1.70 12.84 -31.01
N PHE B 124 1.62 13.04 -29.69
CA PHE B 124 0.53 12.54 -28.88
C PHE B 124 -0.82 13.00 -29.44
N ARG B 125 -0.96 14.31 -29.70
CA ARG B 125 -2.16 14.84 -30.32
C ARG B 125 -2.40 14.24 -31.70
N LYS B 126 -1.34 14.12 -32.51
CA LYS B 126 -1.52 13.61 -33.86
C LYS B 126 -2.07 12.20 -33.83
N ILE B 127 -1.46 11.33 -33.02
CA ILE B 127 -1.92 9.94 -32.94
C ILE B 127 -3.37 9.88 -32.49
N ILE B 128 -3.71 10.61 -31.43
CA ILE B 128 -5.09 10.59 -30.92
C ILE B 128 -6.07 11.10 -31.98
N LYS B 129 -5.73 12.21 -32.64
CA LYS B 129 -6.61 12.74 -33.68
C LYS B 129 -6.86 11.71 -34.79
N GLU B 130 -5.82 10.96 -35.15
CA GLU B 130 -5.97 9.92 -36.17
C GLU B 130 -6.78 8.74 -35.67
N GLU B 131 -6.67 8.41 -34.41
CA GLU B 131 -7.45 7.30 -33.88
C GLU B 131 -8.86 7.73 -33.50
N ILE B 132 -9.10 9.03 -33.40
CA ILE B 132 -10.46 9.50 -33.21
C ILE B 132 -11.25 9.49 -34.53
N ASN B 133 -10.58 9.71 -35.68
CA ASN B 133 -11.33 9.74 -36.93
C ASN B 133 -11.96 8.39 -37.26
N ASP B 134 -11.47 7.29 -36.70
CA ASP B 134 -12.18 6.03 -36.86
C ASP B 134 -13.39 5.98 -35.94
N ILE B 135 -13.14 6.00 -34.62
CA ILE B 135 -14.16 5.85 -33.58
C ILE B 135 -15.44 6.64 -33.85
N ASP B 139 -20.21 9.36 -32.87
CA ASP B 139 -18.80 9.62 -33.14
C ASP B 139 -18.12 10.37 -31.98
N VAL B 140 -16.96 10.96 -32.26
CA VAL B 140 -16.18 11.71 -31.27
C VAL B 140 -15.29 12.69 -32.02
N ILE B 141 -15.24 13.93 -31.53
CA ILE B 141 -14.46 15.00 -32.14
C ILE B 141 -13.34 15.38 -31.17
N MET B 142 -12.15 15.62 -31.70
CA MET B 142 -11.08 16.19 -30.90
C MET B 142 -11.03 17.70 -31.04
N LYS B 143 -10.74 18.36 -29.93
CA LYS B 143 -10.42 19.78 -29.89
C LYS B 143 -9.02 19.90 -29.31
N ARG B 144 -8.14 20.62 -30.00
CA ARG B 144 -6.78 20.85 -29.52
C ARG B 144 -6.78 22.10 -28.64
N LYS B 145 -6.36 21.95 -27.38
CA LYS B 145 -6.37 23.06 -26.45
C LYS B 145 -5.26 24.09 -26.73
N GLY B 148 -0.02 23.07 -22.38
CA GLY B 148 -0.49 21.80 -22.92
C GLY B 148 -0.84 20.72 -21.89
N PRO B 150 -4.33 20.13 -19.93
CA PRO B 150 -4.78 19.03 -20.80
C PRO B 150 -4.26 19.14 -22.22
N ALA B 151 -3.81 18.03 -22.79
CA ALA B 151 -3.25 18.04 -24.13
C ALA B 151 -4.35 18.00 -25.18
N VAL B 152 -5.35 17.16 -24.95
CA VAL B 152 -6.43 16.96 -25.90
C VAL B 152 -7.73 16.92 -25.11
N THR B 153 -8.78 17.52 -25.69
CA THR B 153 -10.13 17.39 -25.18
C THR B 153 -10.96 16.73 -26.27
N LEU B 154 -11.63 15.65 -25.93
CA LEU B 154 -12.52 14.94 -26.82
C LEU B 154 -13.96 15.29 -26.49
N LEU B 155 -14.76 15.48 -27.52
CA LEU B 155 -16.20 15.65 -27.37
C LEU B 155 -16.87 14.38 -27.87
N ILE B 156 -17.32 13.54 -26.96
CA ILE B 156 -18.00 12.29 -27.32
C ILE B 156 -19.48 12.58 -27.50
N SER B 157 -20.02 12.20 -28.65
CA SER B 157 -21.42 12.49 -29.05
C SER B 157 -21.57 14.01 -28.99
N GLU B 158 -22.53 14.56 -28.26
CA GLU B 158 -22.64 16.00 -28.12
C GLU B 158 -22.46 16.49 -26.69
N LYS B 159 -22.65 15.62 -25.70
CA LYS B 159 -22.65 16.06 -24.31
C LYS B 159 -21.41 15.66 -23.53
N ILE B 160 -20.84 14.47 -23.77
CA ILE B 160 -19.70 14.00 -22.98
C ILE B 160 -18.41 14.61 -23.50
N SER B 161 -17.56 15.03 -22.57
CA SER B 161 -16.26 15.60 -22.91
C SER B 161 -15.19 14.97 -22.01
N VAL B 162 -14.06 14.63 -22.62
CA VAL B 162 -12.98 13.95 -21.91
C VAL B 162 -11.69 14.71 -22.15
N ASP B 163 -11.11 15.24 -21.06
CA ASP B 163 -9.80 15.85 -21.12
C ASP B 163 -8.74 14.80 -20.88
N ILE B 164 -7.71 14.78 -21.72
CA ILE B 164 -6.68 13.76 -21.66
C ILE B 164 -5.35 14.47 -21.46
N THR B 165 -4.67 14.10 -20.38
CA THR B 165 -3.37 14.64 -20.01
C THR B 165 -2.28 13.57 -20.17
N LEU B 166 -1.19 13.94 -20.85
CA LEU B 166 0.00 13.11 -20.91
C LEU B 166 0.89 13.34 -19.69
N ALA B 167 1.46 12.27 -19.14
CA ALA B 167 2.27 12.36 -17.92
C ALA B 167 3.43 11.39 -17.96
N LEU B 168 4.65 11.91 -17.85
CA LEU B 168 5.80 11.04 -17.68
C LEU B 168 5.79 10.45 -16.28
N GLU B 169 6.12 9.17 -16.16
CA GLU B 169 6.20 8.50 -14.87
C GLU B 169 7.65 8.27 -14.52
N SER B 170 8.01 8.56 -13.27
CA SER B 170 9.37 8.31 -12.78
C SER B 170 9.30 7.52 -11.49
N LYS B 171 9.97 6.37 -11.46
CA LYS B 171 10.00 5.60 -10.23
C LYS B 171 11.20 5.92 -9.34
N SER B 172 11.83 7.08 -9.54
CA SER B 172 12.93 7.52 -8.71
C SER B 172 12.40 8.34 -7.52
N SER B 173 13.31 8.69 -6.61
CA SER B 173 12.92 9.46 -5.43
C SER B 173 12.34 10.80 -5.85
N TRP B 174 11.33 11.24 -5.12
CA TRP B 174 10.70 12.52 -5.42
C TRP B 174 11.73 13.65 -5.40
N PRO B 175 11.52 14.71 -6.18
CA PRO B 175 12.52 15.79 -6.21
C PRO B 175 12.68 16.46 -4.87
N ALA B 176 13.86 17.04 -4.67
CA ALA B 176 14.23 17.65 -3.39
C ALA B 176 13.24 18.72 -2.96
N SER B 177 12.63 19.44 -3.89
CA SER B 177 11.63 20.44 -3.52
C SER B 177 10.38 19.84 -2.89
N THR B 178 10.27 18.51 -2.77
CA THR B 178 9.15 17.93 -2.05
C THR B 178 9.50 17.48 -0.63
N GLN B 179 10.76 17.61 -0.23
CA GLN B 179 11.22 16.96 1.01
C GLN B 179 10.45 17.43 2.24
N GLU B 180 10.01 18.68 2.26
CA GLU B 180 9.26 19.19 3.40
C GLU B 180 7.76 19.19 3.18
N GLY B 181 7.27 18.69 2.05
CA GLY B 181 5.85 18.68 1.77
C GLY B 181 5.17 17.47 2.36
N LEU B 182 3.90 17.30 1.98
CA LEU B 182 3.11 16.14 2.37
C LEU B 182 3.19 15.93 3.89
N ARG B 183 2.90 17.00 4.63
CA ARG B 183 3.11 17.01 6.09
C ARG B 183 1.94 16.31 6.78
N ILE B 184 1.84 15.00 6.54
CA ILE B 184 0.70 14.21 6.99
C ILE B 184 0.99 13.42 8.26
N GLN B 185 2.15 13.65 8.89
CA GLN B 185 2.64 12.69 9.88
C GLN B 185 1.74 12.62 11.12
N ASN B 186 1.16 13.74 11.56
CA ASN B 186 0.31 13.69 12.76
C ASN B 186 -1.14 13.34 12.45
N TRP B 187 -1.45 13.13 11.17
CA TRP B 187 -2.81 12.85 10.71
C TRP B 187 -2.89 11.43 10.23
N LEU B 188 -2.26 11.11 9.08
CA LEU B 188 -2.28 9.80 8.45
C LEU B 188 -1.09 8.92 8.81
N SER B 189 -0.01 9.49 9.37
CA SER B 189 1.16 8.82 9.98
C SER B 189 2.45 8.94 9.17
N ALA B 190 3.57 8.82 9.87
CA ALA B 190 4.87 8.86 9.19
C ALA B 190 5.06 7.61 8.33
N LYS B 191 4.51 6.47 8.76
CA LYS B 191 4.58 5.26 7.96
C LYS B 191 3.91 5.46 6.62
N VAL B 192 2.73 6.06 6.64
CA VAL B 192 2.01 6.31 5.40
C VAL B 192 2.77 7.33 4.55
N ARG B 193 3.34 8.37 5.17
CA ARG B 193 4.14 9.31 4.37
C ARG B 193 5.29 8.59 3.66
N LYS B 194 6.01 7.74 4.39
CA LYS B 194 7.13 7.01 3.77
C LYS B 194 6.66 6.12 2.63
N GLN B 195 5.52 5.46 2.80
CA GLN B 195 5.01 4.57 1.76
C GLN B 195 4.57 5.36 0.53
N LEU B 196 3.88 6.49 0.74
CA LEU B 196 3.43 7.30 -0.38
C LEU B 196 4.64 7.81 -1.17
N ARG B 197 5.66 8.31 -0.45
CA ARG B 197 6.84 8.89 -1.10
C ARG B 197 7.69 7.85 -1.84
N LEU B 198 7.46 6.56 -1.61
CA LEU B 198 8.11 5.53 -2.41
C LEU B 198 7.35 5.22 -3.70
N LYS B 199 6.12 5.71 -3.84
CA LYS B 199 5.39 5.57 -5.07
C LYS B 199 6.02 6.47 -6.14
N PRO B 200 5.71 6.24 -7.40
CA PRO B 200 6.30 7.09 -8.44
C PRO B 200 5.67 8.47 -8.42
N PHE B 201 6.38 9.43 -8.99
CA PHE B 201 5.84 10.75 -9.24
C PHE B 201 5.71 10.95 -10.74
N TYR B 202 4.99 12.01 -11.11
CA TYR B 202 4.61 12.25 -12.49
C TYR B 202 5.00 13.65 -12.91
N LEU B 203 5.16 13.82 -14.22
CA LEU B 203 5.50 15.10 -14.83
C LEU B 203 4.59 15.34 -16.02
N VAL B 204 4.02 16.52 -16.07
CA VAL B 204 2.98 16.87 -17.04
C VAL B 204 3.46 18.05 -17.82
N PRO B 205 3.38 18.04 -19.17
CA PRO B 205 3.89 19.17 -19.97
C PRO B 205 3.09 20.44 -19.69
N LYS B 206 3.79 21.48 -19.24
CA LYS B 206 3.14 22.69 -18.76
C LYS B 206 4.09 23.86 -18.87
N HIS B 207 3.58 24.93 -19.43
CA HIS B 207 4.41 26.05 -19.77
C HIS B 207 4.81 26.77 -18.49
N ALA B 208 5.96 27.44 -18.50
CA ALA B 208 6.31 28.29 -17.38
C ALA B 208 6.56 29.71 -17.87
N LYS B 209 6.13 30.69 -17.08
CA LYS B 209 6.18 32.12 -17.41
C LYS B 209 7.58 32.62 -17.79
N PHE B 214 5.97 32.11 -23.15
CA PHE B 214 7.29 32.13 -22.53
C PHE B 214 8.02 30.78 -22.73
N GLN B 215 8.48 30.16 -21.65
CA GLN B 215 9.27 28.93 -21.72
C GLN B 215 8.41 27.74 -22.11
N GLU B 216 8.72 27.09 -23.22
CA GLU B 216 7.78 26.14 -23.80
C GLU B 216 8.11 24.66 -23.56
N GLU B 217 9.20 24.34 -22.87
CA GLU B 217 9.69 22.96 -22.80
C GLU B 217 9.79 22.43 -21.38
N THR B 218 9.08 23.03 -20.44
CA THR B 218 9.14 22.57 -19.07
C THR B 218 8.00 21.59 -18.80
N TRP B 219 8.22 20.76 -17.78
CA TRP B 219 7.28 19.77 -17.30
C TRP B 219 6.99 20.10 -15.84
N ARG B 220 5.76 19.89 -15.41
CA ARG B 220 5.35 20.28 -14.06
C ARG B 220 5.01 19.04 -13.25
N LEU B 221 5.45 19.03 -11.98
CA LEU B 221 5.20 17.89 -11.12
C LEU B 221 3.71 17.64 -10.95
N SER B 222 3.34 16.37 -10.82
CA SER B 222 1.95 16.01 -10.61
C SER B 222 1.89 14.92 -9.54
N PHE B 223 1.05 15.15 -8.54
CA PHE B 223 0.84 14.19 -7.45
C PHE B 223 -0.62 13.78 -7.33
N SER B 224 -1.41 13.94 -8.39
CA SER B 224 -2.85 13.72 -8.29
C SER B 224 -3.17 12.30 -7.81
N HIS B 225 -2.31 11.33 -8.09
CA HIS B 225 -2.56 9.98 -7.58
C HIS B 225 -2.41 9.91 -6.08
N ILE B 226 -1.50 10.70 -5.50
CA ILE B 226 -1.36 10.77 -4.05
C ILE B 226 -2.58 11.46 -3.44
N GLU B 227 -3.02 12.56 -4.07
CA GLU B 227 -4.22 13.25 -3.59
C GLU B 227 -5.42 12.30 -3.51
N LYS B 228 -5.56 11.45 -4.52
CA LYS B 228 -6.68 10.51 -4.55
C LYS B 228 -6.59 9.53 -3.39
N GLU B 229 -5.40 9.01 -3.13
CA GLU B 229 -5.25 8.06 -2.03
C GLU B 229 -5.59 8.70 -0.70
N ILE B 230 -5.07 9.91 -0.45
CA ILE B 230 -5.41 10.63 0.77
C ILE B 230 -6.92 10.79 0.92
N LEU B 231 -7.58 11.31 -0.12
CA LEU B 231 -9.01 11.61 -0.04
C LEU B 231 -9.86 10.38 0.26
N ASN B 232 -9.53 9.24 -0.36
CA ASN B 232 -10.31 8.01 -0.20
C ASN B 232 -9.88 7.16 0.99
N ASN B 233 -8.82 7.54 1.67
CA ASN B 233 -8.30 6.82 2.80
C ASN B 233 -7.84 7.90 3.77
N HIS B 234 -8.81 8.56 4.38
CA HIS B 234 -8.62 9.94 4.86
C HIS B 234 -8.68 10.09 6.39
N GLY B 235 -8.97 9.03 7.15
CA GLY B 235 -9.06 9.18 8.59
C GLY B 235 -7.77 8.82 9.29
N LYS B 236 -7.63 9.28 10.55
CA LYS B 236 -6.61 8.70 11.43
C LYS B 236 -6.93 7.24 11.73
N SER B 237 -8.19 6.94 11.98
CA SER B 237 -8.66 5.57 12.09
C SER B 237 -8.71 4.92 10.72
N LYS B 238 -8.12 3.74 10.59
CA LYS B 238 -8.23 2.98 9.36
C LYS B 238 -9.68 2.64 9.01
N THR B 239 -10.58 2.55 10.00
CA THR B 239 -11.99 2.29 9.74
C THR B 239 -12.83 3.56 9.71
N CYS B 240 -12.22 4.73 9.54
CA CYS B 240 -13.05 5.93 9.51
C CYS B 240 -14.01 5.82 8.31
N CYS B 241 -15.26 6.21 8.53
CA CYS B 241 -16.38 6.16 7.60
C CYS B 241 -16.79 4.73 7.21
N GLU B 242 -16.25 3.69 7.84
CA GLU B 242 -16.67 2.33 7.52
C GLU B 242 -17.79 1.82 8.43
N ASN B 243 -18.28 2.64 9.35
CA ASN B 243 -19.36 2.24 10.25
C ASN B 243 -20.04 3.50 10.77
N LYS B 244 -21.28 3.36 11.29
CA LYS B 244 -22.00 4.53 11.78
C LYS B 244 -21.23 5.29 12.84
N GLU B 245 -20.51 4.60 13.73
CA GLU B 245 -19.83 5.34 14.81
C GLU B 245 -18.71 6.24 14.27
N GLU B 246 -18.20 5.98 13.06
CA GLU B 246 -17.01 6.68 12.59
C GLU B 246 -17.28 7.48 11.31
N LYS B 247 -18.54 7.83 11.05
CA LYS B 247 -18.81 8.65 9.86
C LYS B 247 -18.27 10.06 10.08
N CYS B 248 -17.40 10.53 9.17
CA CYS B 248 -16.89 11.90 9.24
C CYS B 248 -17.42 12.69 8.04
N CYS B 249 -17.08 13.99 7.94
CA CYS B 249 -17.65 14.80 6.87
C CYS B 249 -16.54 15.42 6.02
N ARG B 250 -15.35 14.82 6.10
CA ARG B 250 -14.22 15.41 5.39
C ARG B 250 -14.49 15.47 3.88
N LYS B 251 -14.98 14.37 3.31
CA LYS B 251 -15.21 14.35 1.86
C LYS B 251 -16.35 15.25 1.46
N ASP B 252 -17.42 15.29 2.27
CA ASP B 252 -18.50 16.23 1.98
C ASP B 252 -18.06 17.69 2.08
N CYS B 253 -17.14 18.03 3.01
CA CYS B 253 -16.65 19.40 3.04
C CYS B 253 -15.89 19.76 1.76
N LEU B 254 -15.02 18.88 1.28
CA LEU B 254 -14.37 19.18 -0.01
C LEU B 254 -15.39 19.33 -1.13
N LYS B 255 -16.37 18.44 -1.21
CA LYS B 255 -17.37 18.56 -2.27
C LYS B 255 -18.04 19.92 -2.23
N LEU B 256 -18.37 20.40 -1.02
CA LEU B 256 -19.10 21.66 -0.90
C LEU B 256 -18.21 22.85 -1.24
N MET B 257 -16.93 22.80 -0.83
CA MET B 257 -16.00 23.83 -1.30
C MET B 257 -15.82 23.82 -2.82
N LYS B 258 -15.67 22.64 -3.42
CA LYS B 258 -15.58 22.59 -4.89
C LYS B 258 -16.86 23.13 -5.52
N TYR B 259 -18.02 22.80 -4.94
CA TYR B 259 -19.27 23.23 -5.55
C TYR B 259 -19.47 24.74 -5.37
N LEU B 260 -19.02 25.28 -4.23
CA LEU B 260 -19.10 26.73 -4.03
C LEU B 260 -18.26 27.49 -5.07
N LEU B 261 -17.02 27.05 -5.29
CA LEU B 261 -16.17 27.72 -6.26
C LEU B 261 -16.72 27.58 -7.68
N GLU B 262 -17.30 26.43 -7.97
CA GLU B 262 -17.76 26.16 -9.33
C GLU B 262 -18.98 27.02 -9.63
N GLN B 263 -19.91 27.09 -8.68
CA GLN B 263 -21.07 27.98 -8.82
C GLN B 263 -20.66 29.44 -8.97
N LEU B 264 -19.65 29.88 -8.20
CA LEU B 264 -19.23 31.27 -8.32
C LEU B 264 -18.53 31.54 -9.66
N LYS B 265 -17.64 30.64 -10.05
CA LYS B 265 -16.98 30.80 -11.33
C LYS B 265 -17.98 30.84 -12.47
N GLU B 266 -19.05 30.04 -12.39
CA GLU B 266 -20.12 30.07 -13.37
C GLU B 266 -20.88 31.39 -13.36
N ARG B 267 -21.14 31.95 -12.18
CA ARG B 267 -21.90 33.19 -12.13
C ARG B 267 -21.12 34.33 -12.79
N PHE B 268 -19.80 34.37 -12.58
CA PHE B 268 -18.99 35.48 -13.06
C PHE B 268 -18.03 35.07 -14.17
N LYS B 269 -18.36 34.02 -14.93
CA LYS B 269 -17.46 33.52 -15.97
C LYS B 269 -17.13 34.57 -17.04
N ASP B 270 -18.09 35.42 -17.38
CA ASP B 270 -17.83 36.46 -18.37
C ASP B 270 -17.04 37.63 -17.83
N LYS B 271 -16.84 37.72 -16.51
CA LYS B 271 -15.87 38.64 -15.98
C LYS B 271 -14.53 37.92 -15.82
N LYS B 272 -13.47 38.69 -15.59
CA LYS B 272 -12.14 38.12 -15.50
C LYS B 272 -11.75 37.70 -14.08
N HIS B 273 -12.54 38.08 -13.07
CA HIS B 273 -12.08 38.02 -11.69
C HIS B 273 -11.70 36.59 -11.29
N LEU B 274 -12.58 35.63 -11.59
CA LEU B 274 -12.44 34.29 -11.03
C LEU B 274 -11.81 33.29 -11.99
N ASP B 275 -11.32 33.74 -13.16
CA ASP B 275 -10.80 32.82 -14.17
C ASP B 275 -9.58 32.03 -13.67
N LYS B 276 -8.72 32.66 -12.87
CA LYS B 276 -7.49 32.02 -12.41
C LYS B 276 -7.68 31.07 -11.23
N PHE B 277 -8.87 31.00 -10.64
CA PHE B 277 -9.09 30.08 -9.53
C PHE B 277 -9.51 28.73 -10.07
N SER B 278 -9.12 27.66 -9.36
CA SER B 278 -9.43 26.31 -9.83
C SER B 278 -9.73 25.40 -8.65
N SER B 279 -10.27 24.22 -8.97
CA SER B 279 -10.55 23.26 -7.92
C SER B 279 -9.27 22.83 -7.20
N TYR B 280 -8.11 22.97 -7.84
CA TYR B 280 -6.84 22.65 -7.18
C TYR B 280 -6.57 23.55 -5.99
N HIS B 281 -7.00 24.81 -6.06
CA HIS B 281 -6.83 25.71 -4.91
C HIS B 281 -7.71 25.24 -3.74
N VAL B 282 -8.99 24.98 -4.01
CA VAL B 282 -9.90 24.46 -2.99
C VAL B 282 -9.34 23.20 -2.35
N LYS B 283 -8.80 22.32 -3.18
CA LYS B 283 -8.35 21.02 -2.72
C LYS B 283 -7.08 21.17 -1.90
N THR B 284 -6.19 22.08 -2.31
CA THR B 284 -5.00 22.36 -1.53
C THR B 284 -5.35 22.93 -0.16
N ALA B 285 -6.26 23.91 -0.13
CA ALA B 285 -6.68 24.49 1.15
C ALA B 285 -7.28 23.41 2.05
N PHE B 286 -8.07 22.50 1.46
CA PHE B 286 -8.70 21.46 2.23
C PHE B 286 -7.66 20.55 2.88
N PHE B 287 -6.65 20.13 2.11
CA PHE B 287 -5.61 19.27 2.67
C PHE B 287 -4.89 19.95 3.84
N HIS B 288 -4.66 21.27 3.75
CA HIS B 288 -4.09 21.98 4.89
C HIS B 288 -5.03 21.95 6.10
N VAL B 289 -6.35 22.06 5.86
CA VAL B 289 -7.29 21.97 6.98
C VAL B 289 -7.25 20.58 7.61
N CYS B 290 -7.06 19.54 6.79
CA CYS B 290 -6.92 18.20 7.35
C CYS B 290 -5.67 18.09 8.23
N THR B 291 -4.57 18.72 7.79
CA THR B 291 -3.37 18.75 8.61
C THR B 291 -3.59 19.50 9.93
N GLN B 292 -4.24 20.67 9.89
CA GLN B 292 -4.49 21.41 11.14
C GLN B 292 -5.46 20.69 12.06
N ASN B 293 -6.30 19.81 11.53
CA ASN B 293 -7.37 19.15 12.29
C ASN B 293 -7.27 17.65 12.09
N PRO B 294 -6.27 17.00 12.67
CA PRO B 294 -5.97 15.60 12.29
C PRO B 294 -6.91 14.57 12.89
N GLN B 295 -7.64 14.89 13.95
CA GLN B 295 -8.42 13.88 14.65
C GLN B 295 -9.77 13.69 13.99
N ASP B 296 -10.19 12.42 13.87
CA ASP B 296 -11.49 12.14 13.24
C ASP B 296 -12.62 12.82 13.98
N SER B 297 -12.51 12.93 15.32
CA SER B 297 -13.54 13.58 16.13
C SER B 297 -13.77 15.02 15.72
N GLN B 298 -12.80 15.67 15.08
CA GLN B 298 -12.99 17.06 14.69
C GLN B 298 -13.78 17.17 13.40
N TRP B 299 -14.20 16.04 12.84
CA TRP B 299 -14.88 15.95 11.55
C TRP B 299 -16.17 15.16 11.69
N ASP B 300 -16.75 15.13 12.90
CA ASP B 300 -17.94 14.32 13.12
C ASP B 300 -19.03 14.77 12.16
N ARG B 301 -19.75 13.81 11.58
CA ARG B 301 -20.68 14.15 10.51
C ARG B 301 -21.82 15.05 10.99
N LYS B 302 -22.19 14.96 12.28
CA LYS B 302 -23.20 15.87 12.82
C LYS B 302 -22.74 17.33 12.78
N ASP B 303 -21.43 17.57 12.78
CA ASP B 303 -20.87 18.91 12.79
C ASP B 303 -20.58 19.44 11.39
N LEU B 304 -21.14 18.80 10.35
CA LEU B 304 -20.98 19.24 8.96
C LEU B 304 -21.09 20.75 8.83
N GLY B 305 -22.11 21.36 9.46
CA GLY B 305 -22.29 22.80 9.34
C GLY B 305 -21.07 23.58 9.79
N LEU B 306 -20.58 23.28 10.99
CA LEU B 306 -19.41 23.98 11.52
C LEU B 306 -18.14 23.61 10.78
N CYS B 307 -17.99 22.33 10.40
CA CYS B 307 -16.80 21.89 9.70
C CYS B 307 -16.69 22.58 8.34
N PHE B 308 -17.79 22.65 7.58
CA PHE B 308 -17.74 23.39 6.31
C PHE B 308 -17.44 24.86 6.53
N ASP B 309 -18.07 25.48 7.53
CA ASP B 309 -17.81 26.88 7.82
C ASP B 309 -16.33 27.10 8.09
N ASN B 310 -15.71 26.16 8.78
CA ASN B 310 -14.30 26.30 9.14
C ASN B 310 -13.42 26.10 7.91
N CYS B 311 -13.87 25.29 6.95
CA CYS B 311 -13.12 25.14 5.70
C CYS B 311 -13.19 26.40 4.86
N VAL B 312 -14.39 26.99 4.79
CA VAL B 312 -14.58 28.25 4.07
C VAL B 312 -13.69 29.32 4.67
N THR B 313 -13.72 29.42 6.01
CA THR B 313 -12.89 30.39 6.70
C THR B 313 -11.40 30.21 6.41
N TYR B 314 -10.91 28.98 6.45
CA TYR B 314 -9.49 28.76 6.14
C TYR B 314 -9.16 29.23 4.73
N PHE B 315 -10.01 28.88 3.77
CA PHE B 315 -9.76 29.30 2.38
C PHE B 315 -9.81 30.81 2.29
N LEU B 316 -10.72 31.44 3.06
CA LEU B 316 -10.78 32.89 3.06
C LEU B 316 -9.49 33.49 3.64
N GLN B 317 -8.92 32.86 4.68
CA GLN B 317 -7.68 33.41 5.26
C GLN B 317 -6.54 33.34 4.25
N CYS B 318 -6.52 32.28 3.45
CA CYS B 318 -5.53 32.15 2.39
C CYS B 318 -5.68 33.27 1.36
N LEU B 319 -6.91 33.56 0.94
CA LEU B 319 -7.14 34.64 -0.01
C LEU B 319 -6.65 35.97 0.53
N ARG B 320 -7.02 36.29 1.78
CA ARG B 320 -6.68 37.62 2.30
C ARG B 320 -5.18 37.76 2.51
N THR B 321 -4.49 36.71 2.94
CA THR B 321 -3.06 36.80 3.20
C THR B 321 -2.24 36.43 1.97
N GLU B 322 -2.88 36.02 0.87
CA GLU B 322 -2.21 35.68 -0.39
C GLU B 322 -1.16 34.60 -0.20
N LYS B 323 -1.51 33.57 0.57
CA LYS B 323 -0.61 32.46 0.89
C LYS B 323 -1.40 31.17 0.83
N LEU B 324 -1.07 30.32 -0.14
CA LEU B 324 -1.61 28.97 -0.26
C LEU B 324 -0.46 28.12 -0.80
N GLU B 325 0.31 27.53 0.11
CA GLU B 325 1.39 26.64 -0.27
C GLU B 325 0.88 25.40 -1.01
N ASN B 326 1.62 24.97 -2.01
CA ASN B 326 1.39 23.63 -2.54
C ASN B 326 1.65 22.60 -1.43
N TYR B 327 0.72 21.64 -1.31
CA TYR B 327 0.74 20.67 -0.20
C TYR B 327 1.95 19.75 -0.31
N PHE B 328 2.45 19.55 -1.53
CA PHE B 328 3.59 18.69 -1.83
C PHE B 328 4.88 19.49 -1.99
N ILE B 329 4.77 20.76 -2.36
CA ILE B 329 5.91 21.63 -2.71
C ILE B 329 5.75 22.93 -1.92
N PRO B 330 6.16 22.97 -0.66
CA PRO B 330 5.70 24.07 0.22
C PRO B 330 6.27 25.42 -0.15
N GLU B 331 7.41 25.47 -0.81
CA GLU B 331 7.96 26.74 -1.28
C GLU B 331 7.18 27.32 -2.44
N PHE B 332 6.20 26.60 -2.99
CA PHE B 332 5.45 27.05 -4.16
C PHE B 332 4.14 27.68 -3.67
N ASN B 333 4.03 29.00 -3.79
CA ASN B 333 2.85 29.69 -3.29
C ASN B 333 1.81 29.82 -4.40
N LEU B 334 0.78 28.95 -4.37
CA LEU B 334 -0.29 28.98 -5.37
C LEU B 334 -0.98 30.34 -5.46
N PHE B 335 -1.05 31.08 -4.36
CA PHE B 335 -1.72 32.39 -4.33
C PHE B 335 -0.75 33.56 -4.42
N SER B 336 0.45 33.37 -5.00
CA SER B 336 1.36 34.52 -5.06
C SER B 336 0.83 35.57 -6.02
N SER B 337 1.18 36.83 -5.74
CA SER B 337 0.77 37.93 -6.62
C SER B 337 1.34 37.77 -8.04
N ASN B 338 2.45 37.06 -8.19
CA ASN B 338 2.94 36.67 -9.52
C ASN B 338 1.90 35.88 -10.31
N LEU B 339 1.07 35.09 -9.63
CA LEU B 339 0.12 34.22 -10.33
C LEU B 339 -1.31 34.75 -10.34
N ILE B 340 -1.74 35.46 -9.30
CA ILE B 340 -3.11 35.93 -9.18
C ILE B 340 -3.07 37.35 -8.60
N ASP B 341 -3.78 38.29 -9.23
CA ASP B 341 -3.82 39.64 -8.70
C ASP B 341 -4.58 39.73 -7.38
N LYS B 342 -4.14 40.66 -6.52
CA LYS B 342 -4.83 40.92 -5.25
C LYS B 342 -6.31 41.17 -5.49
N ARG B 343 -6.63 42.05 -6.46
CA ARG B 343 -8.01 42.36 -6.83
C ARG B 343 -8.86 41.11 -7.02
N SER B 344 -8.33 40.10 -7.73
CA SER B 344 -9.09 38.87 -7.94
C SER B 344 -9.40 38.15 -6.62
N LYS B 345 -8.39 38.00 -5.74
CA LYS B 345 -8.59 37.37 -4.45
C LYS B 345 -9.62 38.14 -3.63
N GLU B 346 -9.51 39.48 -3.64
CA GLU B 346 -10.44 40.35 -2.97
C GLU B 346 -11.86 40.17 -3.49
N PHE B 347 -12.03 40.00 -4.80
CA PHE B 347 -13.36 39.81 -5.34
C PHE B 347 -13.93 38.47 -4.88
N LEU B 348 -13.12 37.42 -4.91
CA LEU B 348 -13.63 36.13 -4.48
C LEU B 348 -13.91 36.13 -2.98
N THR B 349 -13.13 36.88 -2.20
CA THR B 349 -13.40 36.98 -0.78
C THR B 349 -14.74 37.65 -0.53
N LYS B 350 -14.98 38.77 -1.22
CA LYS B 350 -16.25 39.48 -1.14
C LYS B 350 -17.41 38.56 -1.45
N GLN B 351 -17.30 37.78 -2.54
CA GLN B 351 -18.41 36.93 -2.95
C GLN B 351 -18.65 35.79 -1.94
N ILE B 352 -17.59 35.12 -1.48
CA ILE B 352 -17.81 34.03 -0.56
C ILE B 352 -18.35 34.54 0.78
N GLU B 353 -17.85 35.68 1.26
CA GLU B 353 -18.35 36.22 2.52
C GLU B 353 -19.82 36.58 2.40
N TYR B 354 -20.24 37.10 1.24
CA TYR B 354 -21.65 37.31 1.00
C TYR B 354 -22.42 36.00 1.11
N GLU B 355 -21.95 34.96 0.40
CA GLU B 355 -22.65 33.68 0.45
C GLU B 355 -22.78 33.18 1.87
N ARG B 356 -21.67 33.17 2.61
CA ARG B 356 -21.67 32.57 3.95
C ARG B 356 -22.56 33.35 4.91
N ASN B 357 -22.66 34.68 4.75
CA ASN B 357 -23.55 35.48 5.58
C ASN B 357 -25.02 35.24 5.26
N ASN B 358 -25.33 34.61 4.13
CA ASN B 358 -26.72 34.51 3.68
C ASN B 358 -27.14 33.06 3.48
N GLU B 359 -26.39 32.13 4.06
CA GLU B 359 -26.67 30.70 3.95
C GLU B 359 -26.57 30.22 2.50
N PHE B 360 -25.55 30.74 1.79
CA PHE B 360 -25.11 30.27 0.50
C PHE B 360 -26.23 30.20 -0.56
N PRO B 361 -26.94 31.29 -0.84
CA PRO B 361 -27.98 31.24 -1.88
C PRO B 361 -27.46 30.77 -3.25
N VAL B 362 -26.18 30.96 -3.56
CA VAL B 362 -25.67 30.56 -4.88
C VAL B 362 -25.77 29.05 -5.07
N PHE B 363 -25.92 28.30 -3.97
CA PHE B 363 -26.10 26.86 -4.05
C PHE B 363 -27.43 26.50 -4.70
N ASP B 364 -28.39 27.42 -4.71
CA ASP B 364 -29.66 27.19 -5.38
C ASP B 364 -29.99 28.29 -6.39
#